data_7F5H
#
_entry.id   7F5H
#
_cell.length_a   177.463
_cell.length_b   177.463
_cell.length_c   133.130
_cell.angle_alpha   90.00
_cell.angle_beta   90.00
_cell.angle_gamma   120.00
#
_symmetry.space_group_name_H-M   'P 65 2 2'
#
loop_
_entity.id
_entity.type
_entity.pdbx_description
1 polymer 'SARS-CoV-2 Spike Receptor-Binding Domain (RBD)'
2 polymer 'Nanobody DL28'
3 branched beta-D-mannopyranose-(1-4)-2-acetamido-2-deoxy-beta-D-glucopyranose-(1-4)-[alpha-L-fucopyranose-(1-6)]2-acetamido-2-deoxy-beta-D-glucopyranose
4 non-polymer GLYCEROL
5 non-polymer 'PHOSPHATE ION'
6 water water
#
loop_
_entity_poly.entity_id
_entity_poly.type
_entity_poly.pdbx_seq_one_letter_code
_entity_poly.pdbx_strand_id
1 'polypeptide(L)'
;AGSPNITNLCPFGEVFNATRFASVYAWNRKRISNCVADYSVLYNSASFSTFKCYGVSPTKLNDLCFTNVYADSFVIRGDE
VRQIAPGQTGKIADYNYKLPDDFTGCVIAWNSNNLDSKVGGNYNYLYRLFRKSNLKPFERDISTEIYQAGSTPCNGVEGF
NCYFPLQSYGFQPTNGVGYQPYRVVVLSFELLHAPATVCGPKKSTGTLEVLFQ
;
A,B
2 'polypeptide(L)'
;GSSSQVQLQESGGGLVQAGGSLRLSCAASGSDFSSSTMGWYRQAPGKQREFVAISSEGSTSYAGSVKGRFTISRDNAKNT
VYLQMNSLEPEDTAVYYCNVVDRWYDYWGQGTQVTVSAGRAGEQKLISEEDLNSAVDHHHHHH
;
C,D
#
loop_
_chem_comp.id
_chem_comp.type
_chem_comp.name
_chem_comp.formula
BMA D-saccharide, beta linking beta-D-mannopyranose 'C6 H12 O6'
FUC L-saccharide, alpha linking alpha-L-fucopyranose 'C6 H12 O5'
GOL non-polymer GLYCEROL 'C3 H8 O3'
NAG D-saccharide, beta linking 2-acetamido-2-deoxy-beta-D-glucopyranose 'C8 H15 N O6'
PO4 non-polymer 'PHOSPHATE ION' 'O4 P -3'
#
# COMPACT_ATOMS: atom_id res chain seq x y z
N ASN A 8 4.64 2.10 -31.50
CA ASN A 8 5.75 1.13 -31.72
C ASN A 8 6.30 0.68 -30.35
N LEU A 9 7.62 0.59 -30.23
CA LEU A 9 8.30 0.23 -28.96
C LEU A 9 8.12 1.36 -27.94
N CYS A 10 8.12 1.04 -26.64
CA CYS A 10 8.05 2.05 -25.56
C CYS A 10 9.33 2.88 -25.59
N PRO A 11 9.27 4.22 -25.35
CA PRO A 11 10.42 5.12 -25.52
C PRO A 11 11.48 5.08 -24.42
N PHE A 12 12.34 4.06 -24.43
CA PHE A 12 13.36 3.92 -23.37
C PHE A 12 14.57 4.78 -23.68
N GLY A 13 14.72 5.25 -24.91
CA GLY A 13 15.78 6.23 -25.20
C GLY A 13 15.55 7.50 -24.39
N GLU A 14 14.28 7.90 -24.29
CA GLU A 14 13.87 9.21 -23.71
C GLU A 14 14.14 9.20 -22.20
N VAL A 15 14.08 8.06 -21.55
CA VAL A 15 14.24 8.03 -20.08
C VAL A 15 15.70 7.78 -19.72
N PHE A 16 16.39 6.84 -20.35
CA PHE A 16 17.75 6.51 -19.87
C PHE A 16 18.80 7.45 -20.46
N ASN A 17 18.56 7.96 -21.67
CA ASN A 17 19.55 8.80 -22.36
C ASN A 17 19.04 10.23 -22.40
N ALA A 18 18.18 10.62 -21.46
CA ALA A 18 17.68 12.00 -21.31
C ALA A 18 18.86 12.97 -21.12
N THR A 19 18.73 14.17 -21.66
CA THR A 19 19.78 15.21 -21.57
C THR A 19 19.80 15.75 -20.15
N ARG A 20 18.64 15.83 -19.50
CA ARG A 20 18.52 16.40 -18.13
C ARG A 20 18.08 15.29 -17.17
N PHE A 21 18.76 15.15 -16.05
CA PHE A 21 18.30 14.26 -14.96
C PHE A 21 17.95 15.15 -13.78
N ALA A 22 16.87 14.87 -13.07
CA ALA A 22 16.38 15.77 -11.98
C ALA A 22 17.08 15.48 -10.66
N SER A 23 16.98 16.42 -9.73
CA SER A 23 17.45 16.20 -8.34
C SER A 23 16.44 15.28 -7.67
N VAL A 24 16.83 14.55 -6.64
CA VAL A 24 15.93 13.52 -6.06
C VAL A 24 14.67 14.16 -5.49
N TYR A 25 14.76 15.33 -4.86
CA TYR A 25 13.59 15.98 -4.23
C TYR A 25 12.59 16.37 -5.31
N ALA A 26 13.09 16.61 -6.52
CA ALA A 26 12.26 17.07 -7.64
C ALA A 26 12.25 16.03 -8.75
N TRP A 27 12.16 14.76 -8.38
CA TRP A 27 12.28 13.62 -9.32
C TRP A 27 11.29 13.72 -10.49
N ASN A 28 11.63 13.10 -11.61
CA ASN A 28 10.81 13.18 -12.84
C ASN A 28 10.02 11.90 -13.00
N ARG A 29 8.73 12.00 -13.25
CA ARG A 29 7.89 10.83 -13.57
C ARG A 29 7.42 10.91 -15.02
N LYS A 30 7.95 10.06 -15.88
CA LYS A 30 7.37 9.91 -17.24
C LYS A 30 6.48 8.68 -17.22
N ARG A 31 5.27 8.78 -17.75
CA ARG A 31 4.35 7.61 -17.80
C ARG A 31 4.59 6.87 -19.11
N ILE A 32 4.69 5.55 -19.03
CA ILE A 32 4.85 4.70 -20.25
C ILE A 32 3.60 3.82 -20.38
N SER A 33 2.74 4.09 -21.36
CA SER A 33 1.58 3.21 -21.61
C SER A 33 1.43 3.00 -23.11
N ASN A 34 0.70 1.94 -23.46
CA ASN A 34 0.15 1.64 -24.81
C ASN A 34 1.27 1.45 -25.83
N CYS A 35 2.20 0.56 -25.51
CA CYS A 35 3.36 0.24 -26.38
C CYS A 35 3.91 -1.12 -25.99
N VAL A 36 5.01 -1.52 -26.60
CA VAL A 36 5.64 -2.86 -26.34
C VAL A 36 7.06 -2.60 -25.84
N ALA A 37 7.53 -3.35 -24.85
CA ALA A 37 8.84 -3.00 -24.23
C ALA A 37 9.76 -4.21 -24.10
N ASP A 38 10.94 -4.14 -24.70
CA ASP A 38 11.94 -5.20 -24.51
C ASP A 38 12.90 -4.80 -23.39
N TYR A 39 12.69 -5.42 -22.23
CA TYR A 39 13.52 -5.19 -21.02
C TYR A 39 14.81 -6.01 -21.08
N SER A 40 14.93 -6.91 -22.05
CA SER A 40 16.03 -7.89 -22.12
C SER A 40 17.36 -7.17 -22.35
N VAL A 41 17.34 -6.21 -23.27
CA VAL A 41 18.55 -5.44 -23.67
C VAL A 41 19.00 -4.56 -22.49
N LEU A 42 18.05 -4.10 -21.68
CA LEU A 42 18.37 -3.35 -20.46
C LEU A 42 19.01 -4.24 -19.43
N TYR A 43 18.48 -5.43 -19.17
CA TYR A 43 19.01 -6.25 -18.05
C TYR A 43 20.44 -6.68 -18.40
N ASN A 44 20.64 -7.10 -19.64
CA ASN A 44 21.94 -7.65 -20.08
C ASN A 44 23.00 -6.54 -20.02
N SER A 45 22.65 -5.29 -20.35
CA SER A 45 23.65 -4.20 -20.46
C SER A 45 24.47 -4.07 -19.19
N ALA A 46 25.79 -3.99 -19.32
CA ALA A 46 26.70 -3.86 -18.15
C ALA A 46 26.90 -2.38 -17.86
N SER A 47 26.26 -1.52 -18.65
CA SER A 47 26.23 -0.08 -18.35
C SER A 47 25.65 0.10 -16.94
N PHE A 48 24.59 -0.63 -16.64
CA PHE A 48 23.88 -0.51 -15.35
C PHE A 48 24.57 -1.40 -14.32
N SER A 49 25.05 -0.80 -13.24
CA SER A 49 25.68 -1.55 -12.12
C SER A 49 24.56 -2.16 -11.30
N THR A 50 23.55 -1.36 -10.98
CA THR A 50 22.41 -1.82 -10.19
C THR A 50 21.29 -2.11 -11.16
N PHE A 51 20.81 -3.35 -11.14
CA PHE A 51 19.53 -3.72 -11.80
C PHE A 51 18.93 -4.81 -10.94
N LYS A 52 18.08 -4.37 -10.02
CA LYS A 52 17.43 -5.24 -9.03
C LYS A 52 15.92 -5.03 -9.17
N CYS A 53 15.20 -6.13 -9.14
CA CYS A 53 13.73 -6.09 -9.29
C CYS A 53 13.10 -6.68 -8.04
N TYR A 54 11.93 -6.17 -7.71
CA TYR A 54 11.22 -6.54 -6.47
C TYR A 54 9.88 -7.11 -6.89
N GLY A 55 9.61 -8.35 -6.47
CA GLY A 55 8.32 -8.99 -6.72
C GLY A 55 8.13 -9.47 -8.16
N VAL A 56 9.17 -9.46 -8.98
CA VAL A 56 9.10 -9.92 -10.40
C VAL A 56 10.52 -10.31 -10.84
N SER A 57 10.65 -11.41 -11.56
CA SER A 57 11.99 -11.87 -11.98
C SER A 57 12.47 -11.04 -13.17
N PRO A 58 13.77 -10.71 -13.24
CA PRO A 58 14.32 -10.00 -14.41
C PRO A 58 14.30 -10.79 -15.71
N THR A 59 14.43 -12.12 -15.62
CA THR A 59 14.26 -13.02 -16.77
C THR A 59 12.86 -12.86 -17.35
N LYS A 60 11.86 -12.90 -16.48
CA LYS A 60 10.45 -13.02 -16.87
C LYS A 60 9.84 -11.67 -17.24
N LEU A 61 10.64 -10.67 -17.62
CA LEU A 61 10.09 -9.32 -17.84
C LEU A 61 9.34 -9.26 -19.16
N ASN A 62 9.86 -9.91 -20.17
CA ASN A 62 9.24 -9.84 -21.52
C ASN A 62 7.97 -10.67 -21.57
N ASP A 63 7.80 -11.62 -20.67
CA ASP A 63 6.56 -12.44 -20.63
C ASP A 63 5.43 -11.59 -20.08
N LEU A 64 5.72 -10.79 -19.06
CA LEU A 64 4.66 -10.21 -18.21
C LEU A 64 3.93 -9.04 -18.88
N CYS A 65 2.77 -8.77 -18.31
CA CYS A 65 1.81 -7.76 -18.77
C CYS A 65 1.38 -6.92 -17.58
N PHE A 66 1.42 -5.60 -17.71
CA PHE A 66 1.03 -4.70 -16.60
C PHE A 66 0.10 -3.60 -17.09
N THR A 67 -0.70 -3.13 -16.14
CA THR A 67 -1.73 -2.09 -16.36
C THR A 67 -1.05 -0.75 -16.64
N ASN A 68 -0.05 -0.40 -15.84
CA ASN A 68 0.69 0.88 -15.99
C ASN A 68 2.16 0.62 -15.71
N VAL A 69 3.04 1.27 -16.46
CA VAL A 69 4.49 1.31 -16.09
C VAL A 69 4.94 2.77 -16.05
N TYR A 70 5.53 3.18 -14.92
CA TYR A 70 6.03 4.55 -14.73
C TYR A 70 7.55 4.54 -14.69
N ALA A 71 8.16 5.56 -15.23
CA ALA A 71 9.63 5.72 -15.20
C ALA A 71 9.96 6.90 -14.30
N ASP A 72 10.54 6.60 -13.14
CA ASP A 72 10.91 7.62 -12.14
C ASP A 72 12.42 7.74 -12.19
N SER A 73 12.94 8.93 -12.44
CA SER A 73 14.40 9.11 -12.68
C SER A 73 14.94 10.31 -11.89
N PHE A 74 16.08 10.15 -11.24
CA PHE A 74 16.69 11.20 -10.39
C PHE A 74 18.18 10.91 -10.19
N VAL A 75 18.93 11.86 -9.62
CA VAL A 75 20.38 11.65 -9.34
C VAL A 75 20.62 11.70 -7.83
N ILE A 76 21.29 10.68 -7.31
CA ILE A 76 21.65 10.61 -5.86
C ILE A 76 23.13 10.27 -5.75
N ARG A 77 23.58 10.25 -4.51
CA ARG A 77 24.91 9.78 -4.09
C ARG A 77 24.99 8.26 -4.28
N GLY A 78 26.20 7.74 -4.35
CA GLY A 78 26.39 6.29 -4.58
C GLY A 78 26.04 5.45 -3.36
N ASP A 79 26.28 5.99 -2.16
CA ASP A 79 25.91 5.31 -0.89
C ASP A 79 24.39 5.15 -0.84
N GLU A 80 23.67 6.13 -1.34
CA GLU A 80 22.22 6.28 -1.13
C GLU A 80 21.42 5.39 -2.08
N VAL A 81 22.07 4.59 -2.92
CA VAL A 81 21.36 3.72 -3.89
C VAL A 81 20.67 2.58 -3.14
N ARG A 82 21.23 2.20 -1.99
CA ARG A 82 20.65 1.25 -1.00
C ARG A 82 19.22 1.65 -0.63
N GLN A 83 18.94 2.94 -0.52
CA GLN A 83 17.62 3.43 -0.05
C GLN A 83 16.56 3.33 -1.16
N ILE A 84 16.90 2.98 -2.39
CA ILE A 84 15.84 2.87 -3.41
C ILE A 84 15.39 1.42 -3.46
N ALA A 85 14.60 1.04 -2.46
CA ALA A 85 14.11 -0.32 -2.19
C ALA A 85 12.86 -0.12 -1.36
N PRO A 86 11.90 -1.07 -1.37
CA PRO A 86 10.80 -1.01 -0.43
C PRO A 86 11.30 -1.18 1.00
N GLY A 87 10.63 -0.49 1.93
CA GLY A 87 10.94 -0.59 3.36
C GLY A 87 12.34 -0.13 3.66
N GLN A 88 12.81 0.94 3.02
CA GLN A 88 14.06 1.52 3.51
C GLN A 88 13.76 2.75 4.34
N THR A 89 14.76 3.14 5.10
CA THR A 89 14.78 4.43 5.82
C THR A 89 16.16 5.03 5.65
N GLY A 90 16.24 6.34 5.86
CA GLY A 90 17.41 7.19 5.55
C GLY A 90 16.90 8.49 4.97
N LYS A 91 17.79 9.43 4.68
CA LYS A 91 17.40 10.81 4.26
C LYS A 91 16.70 10.77 2.88
N ILE A 92 17.12 9.89 1.98
CA ILE A 92 16.51 9.81 0.64
C ILE A 92 15.16 9.13 0.73
N ALA A 93 15.06 8.06 1.48
CA ALA A 93 13.82 7.27 1.52
C ALA A 93 12.79 8.02 2.36
N ASP A 94 13.21 8.70 3.42
CA ASP A 94 12.21 9.38 4.27
C ASP A 94 11.83 10.73 3.69
N TYR A 95 12.76 11.49 3.14
CA TYR A 95 12.46 12.90 2.77
C TYR A 95 12.47 13.17 1.26
N ASN A 96 12.92 12.26 0.41
CA ASN A 96 13.09 12.62 -1.02
C ASN A 96 12.24 11.76 -1.95
N TYR A 97 12.41 10.45 -1.90
CA TYR A 97 11.68 9.52 -2.80
C TYR A 97 11.39 8.24 -2.05
N LYS A 98 10.11 7.89 -1.97
CA LYS A 98 9.65 6.77 -1.13
C LYS A 98 8.99 5.74 -2.02
N LEU A 99 9.43 4.51 -1.93
CA LEU A 99 8.70 3.42 -2.63
C LEU A 99 7.60 2.90 -1.72
N PRO A 100 6.55 2.26 -2.26
CA PRO A 100 5.58 1.61 -1.39
C PRO A 100 6.11 0.29 -0.85
N ASP A 101 5.43 -0.20 0.18
CA ASP A 101 5.78 -1.49 0.81
C ASP A 101 5.52 -2.61 -0.20
N ASP A 102 4.43 -2.52 -0.96
CA ASP A 102 3.99 -3.57 -1.89
C ASP A 102 4.56 -3.33 -3.28
N PHE A 103 5.76 -2.77 -3.38
CA PHE A 103 6.31 -2.31 -4.66
C PHE A 103 6.69 -3.49 -5.51
N THR A 104 6.03 -3.62 -6.63
CA THR A 104 6.45 -4.54 -7.70
C THR A 104 7.09 -3.72 -8.80
N GLY A 105 8.36 -3.97 -9.07
CA GLY A 105 9.07 -3.17 -10.06
C GLY A 105 10.56 -3.32 -9.96
N CYS A 106 11.27 -2.52 -10.75
CA CYS A 106 12.73 -2.64 -10.92
C CYS A 106 13.44 -1.31 -10.66
N VAL A 107 14.59 -1.41 -10.02
CA VAL A 107 15.45 -0.25 -9.75
C VAL A 107 16.73 -0.42 -10.55
N ILE A 108 16.92 0.47 -11.51
CA ILE A 108 18.12 0.48 -12.38
C ILE A 108 18.95 1.70 -12.00
N ALA A 109 20.24 1.49 -11.77
CA ALA A 109 21.15 2.62 -11.54
C ALA A 109 22.51 2.35 -12.15
N TRP A 110 23.17 3.43 -12.50
CA TRP A 110 24.55 3.41 -13.02
C TRP A 110 25.33 4.62 -12.52
N ASN A 111 26.66 4.51 -12.50
CA ASN A 111 27.54 5.67 -12.21
C ASN A 111 27.46 6.70 -13.34
N SER A 112 27.40 7.95 -12.94
CA SER A 112 27.49 9.11 -13.87
C SER A 112 28.43 10.16 -13.30
N ASN A 113 29.59 9.73 -12.84
CA ASN A 113 30.61 10.66 -12.28
C ASN A 113 31.13 11.59 -13.39
N ASN A 114 31.23 11.09 -14.60
CA ASN A 114 31.88 11.84 -15.72
C ASN A 114 30.96 12.96 -16.24
N LEU A 115 29.63 12.83 -16.07
CA LEU A 115 28.69 13.86 -16.60
C LEU A 115 28.24 14.80 -15.48
N ASP A 116 27.96 14.27 -14.31
CA ASP A 116 27.22 15.00 -13.27
C ASP A 116 28.16 15.52 -12.18
N SER A 117 29.47 15.39 -12.36
CA SER A 117 30.42 16.18 -11.55
C SER A 117 31.22 17.11 -12.46
N LYS A 118 31.47 18.33 -11.99
CA LYS A 118 32.51 19.21 -12.57
C LYS A 118 33.54 19.51 -11.47
N VAL A 119 34.61 20.16 -11.86
CA VAL A 119 35.74 20.48 -10.95
C VAL A 119 35.32 21.62 -10.01
N GLY A 120 35.55 21.43 -8.72
CA GLY A 120 35.12 22.40 -7.70
C GLY A 120 33.67 22.21 -7.30
N GLY A 121 33.01 21.17 -7.80
CA GLY A 121 31.67 20.77 -7.34
C GLY A 121 30.58 21.07 -8.35
N ASN A 122 29.61 20.18 -8.41
CA ASN A 122 28.35 20.42 -9.15
C ASN A 122 27.26 20.70 -8.13
N TYR A 123 26.81 21.94 -8.07
CA TYR A 123 25.84 22.38 -7.05
C TYR A 123 24.43 22.36 -7.62
N ASN A 124 24.25 21.76 -8.78
CA ASN A 124 22.92 21.71 -9.45
C ASN A 124 22.03 20.65 -8.80
N TYR A 125 22.62 19.60 -8.23
CA TYR A 125 21.81 18.49 -7.71
C TYR A 125 21.68 18.65 -6.21
N LEU A 126 20.44 18.63 -5.74
CA LEU A 126 20.14 18.83 -4.30
C LEU A 126 19.38 17.63 -3.76
N TYR A 127 19.28 17.61 -2.43
CA TYR A 127 18.42 16.64 -1.70
C TYR A 127 17.82 17.31 -0.47
N ARG A 128 16.62 16.90 -0.13
CA ARG A 128 15.93 17.39 1.08
C ARG A 128 16.49 16.69 2.30
N LEU A 129 16.76 17.47 3.34
CA LEU A 129 17.51 16.97 4.53
C LEU A 129 16.58 16.83 5.72
N PHE A 130 15.48 17.56 5.76
CA PHE A 130 14.51 17.51 6.87
C PHE A 130 13.12 17.64 6.31
N ARG A 131 12.20 17.04 7.02
CA ARG A 131 10.76 17.24 6.76
C ARG A 131 10.08 16.92 8.08
N LYS A 132 8.89 17.48 8.25
CA LYS A 132 8.09 17.23 9.48
C LYS A 132 7.63 15.78 9.51
N SER A 133 7.02 15.30 8.44
CA SER A 133 6.68 13.87 8.33
C SER A 133 7.59 13.20 7.29
N ASN A 134 7.66 11.88 7.32
CA ASN A 134 8.24 11.16 6.18
C ASN A 134 7.27 11.24 5.02
N LEU A 135 7.79 11.09 3.82
CA LEU A 135 6.91 11.16 2.64
C LEU A 135 6.07 9.89 2.54
N LYS A 136 4.89 10.05 1.98
CA LYS A 136 4.07 8.95 1.45
C LYS A 136 4.79 8.34 0.25
N PRO A 137 4.43 7.11 -0.17
CA PRO A 137 5.00 6.54 -1.39
C PRO A 137 4.66 7.34 -2.65
N PHE A 138 5.68 7.54 -3.48
CA PHE A 138 5.65 8.29 -4.76
C PHE A 138 5.22 9.74 -4.54
N GLU A 139 5.52 10.29 -3.37
CA GLU A 139 5.17 11.69 -3.07
C GLU A 139 6.38 12.53 -3.45
N ARG A 140 6.12 13.73 -3.94
CA ARG A 140 7.19 14.66 -4.37
C ARG A 140 7.01 15.96 -3.61
N ASP A 141 8.06 16.38 -2.91
CA ASP A 141 8.01 17.65 -2.15
C ASP A 141 8.98 18.64 -2.77
N ILE A 142 8.49 19.75 -3.26
CA ILE A 142 9.44 20.80 -3.75
C ILE A 142 9.25 22.03 -2.88
N SER A 143 8.80 21.86 -1.63
CA SER A 143 8.58 23.02 -0.75
C SER A 143 9.95 23.52 -0.31
N THR A 144 10.03 24.80 0.00
CA THR A 144 11.28 25.40 0.52
C THR A 144 11.03 26.23 1.77
N GLU A 145 10.08 25.85 2.63
CA GLU A 145 9.96 26.58 3.91
C GLU A 145 11.09 26.15 4.82
N ILE A 146 11.49 27.06 5.69
CA ILE A 146 12.58 26.79 6.66
C ILE A 146 12.10 25.74 7.65
N TYR A 147 12.90 24.71 7.88
CA TYR A 147 12.55 23.63 8.83
C TYR A 147 12.78 24.13 10.26
N GLN A 148 11.74 24.03 11.09
CA GLN A 148 11.86 24.39 12.53
C GLN A 148 12.39 23.19 13.31
N ALA A 149 13.66 23.24 13.69
CA ALA A 149 14.30 22.15 14.45
C ALA A 149 14.17 22.36 15.95
N GLY A 150 13.65 23.50 16.39
CA GLY A 150 13.62 23.83 17.81
C GLY A 150 12.28 24.32 18.27
N SER A 151 12.22 24.79 19.50
CA SER A 151 10.99 25.33 20.13
C SER A 151 10.60 26.65 19.46
N THR A 152 11.58 27.51 19.18
CA THR A 152 11.33 28.88 18.65
C THR A 152 10.86 28.80 17.22
N PRO A 153 9.76 29.49 16.85
CA PRO A 153 9.34 29.57 15.46
C PRO A 153 10.35 30.24 14.53
N CYS A 154 10.34 29.78 13.29
CA CYS A 154 11.13 30.37 12.18
C CYS A 154 10.28 31.42 11.50
N ASN A 155 10.90 32.50 11.06
CA ASN A 155 10.08 33.55 10.45
C ASN A 155 10.55 33.69 9.02
N GLY A 156 10.62 32.56 8.34
CA GLY A 156 11.12 32.46 6.96
C GLY A 156 12.63 32.63 6.86
N VAL A 157 13.36 32.67 7.98
CA VAL A 157 14.81 33.02 7.95
C VAL A 157 15.61 31.81 8.46
N GLU A 158 16.73 31.52 7.82
CA GLU A 158 17.67 30.49 8.30
C GLU A 158 18.32 31.00 9.57
N GLY A 159 18.04 30.31 10.65
CA GLY A 159 18.39 30.77 12.01
C GLY A 159 19.14 29.71 12.76
N PHE A 160 19.02 29.73 14.08
CA PHE A 160 19.78 28.80 14.94
C PHE A 160 19.21 27.39 14.79
N ASN A 161 17.98 27.17 15.21
CA ASN A 161 17.33 25.86 15.02
C ASN A 161 16.35 25.97 13.88
N CYS A 162 16.72 26.78 12.90
CA CYS A 162 15.90 27.04 11.71
C CYS A 162 16.79 26.78 10.51
N TYR A 163 16.44 25.80 9.71
CA TYR A 163 17.37 25.30 8.67
C TYR A 163 16.67 25.26 7.33
N PHE A 164 17.44 25.57 6.29
CA PHE A 164 16.96 25.46 4.90
C PHE A 164 16.97 24.00 4.50
N PRO A 165 15.85 23.47 3.96
CA PRO A 165 15.71 22.02 3.83
C PRO A 165 16.53 21.37 2.71
N LEU A 166 16.95 22.09 1.69
CA LEU A 166 17.65 21.47 0.56
C LEU A 166 19.14 21.69 0.72
N GLN A 167 19.91 20.60 0.62
CA GLN A 167 21.38 20.57 0.78
C GLN A 167 21.95 20.15 -0.58
N SER A 168 23.10 20.69 -0.95
CA SER A 168 23.76 20.31 -2.21
C SER A 168 24.64 19.08 -1.99
N TYR A 169 24.69 18.22 -3.00
CA TYR A 169 25.70 17.14 -3.04
C TYR A 169 27.09 17.73 -3.28
N GLY A 170 27.20 18.57 -4.30
CA GLY A 170 28.45 19.25 -4.62
C GLY A 170 29.46 18.26 -5.14
N PHE A 171 29.08 17.56 -6.21
CA PHE A 171 29.84 16.38 -6.68
C PHE A 171 31.16 16.83 -7.29
N GLN A 172 32.25 16.40 -6.68
CA GLN A 172 33.58 16.54 -7.30
C GLN A 172 34.01 15.21 -7.87
N PRO A 173 34.77 15.20 -8.98
CA PRO A 173 35.35 13.96 -9.50
C PRO A 173 36.39 13.30 -8.58
N THR A 174 37.01 14.06 -7.68
CA THR A 174 37.99 13.51 -6.71
C THR A 174 37.32 12.76 -5.57
N ASN A 175 35.99 12.82 -5.47
CA ASN A 175 35.25 12.02 -4.46
C ASN A 175 35.42 10.54 -4.75
N GLY A 176 35.52 9.74 -3.69
CA GLY A 176 35.45 8.28 -3.81
C GLY A 176 34.06 7.83 -4.21
N VAL A 177 33.95 6.56 -4.56
CA VAL A 177 32.85 5.96 -5.36
C VAL A 177 31.53 6.05 -4.60
N GLY A 178 31.59 6.04 -3.27
CA GLY A 178 30.39 6.18 -2.43
C GLY A 178 29.79 7.57 -2.50
N TYR A 179 30.63 8.59 -2.71
CA TYR A 179 30.16 9.99 -2.74
C TYR A 179 30.05 10.50 -4.18
N GLN A 180 29.94 9.61 -5.15
CA GLN A 180 29.93 9.95 -6.60
C GLN A 180 28.49 10.04 -7.10
N PRO A 181 28.21 10.76 -8.20
CA PRO A 181 26.85 10.81 -8.73
C PRO A 181 26.39 9.49 -9.36
N TYR A 182 25.26 8.98 -8.91
CA TYR A 182 24.61 7.88 -9.65
C TYR A 182 23.25 8.36 -10.16
N ARG A 183 23.01 8.09 -11.42
CA ARG A 183 21.67 8.26 -12.03
C ARG A 183 20.88 7.00 -11.71
N VAL A 184 19.62 7.19 -11.36
CA VAL A 184 18.74 6.08 -10.95
C VAL A 184 17.51 6.18 -11.80
N VAL A 185 17.06 5.06 -12.37
CA VAL A 185 15.72 4.95 -12.99
C VAL A 185 14.93 3.90 -12.23
N VAL A 186 13.72 4.24 -11.84
CA VAL A 186 12.80 3.32 -11.12
C VAL A 186 11.67 2.99 -12.06
N LEU A 187 11.53 1.71 -12.39
CA LEU A 187 10.37 1.25 -13.16
C LEU A 187 9.35 0.68 -12.22
N SER A 188 8.15 1.18 -12.35
CA SER A 188 7.07 1.02 -11.36
C SER A 188 6.00 0.26 -12.10
N PHE A 189 5.83 -1.02 -11.81
CA PHE A 189 4.74 -1.80 -12.46
C PHE A 189 3.55 -1.83 -11.53
N GLU A 190 2.43 -1.30 -12.02
CA GLU A 190 1.18 -1.26 -11.24
C GLU A 190 0.22 -2.26 -11.82
N LEU A 191 -0.34 -3.11 -10.97
CA LEU A 191 -1.33 -4.09 -11.41
C LEU A 191 -2.66 -3.80 -10.72
N LEU A 192 -3.72 -3.73 -11.51
CA LEU A 192 -5.07 -3.39 -11.02
C LEU A 192 -6.04 -4.48 -11.46
N HIS A 193 -7.34 -4.22 -11.29
CA HIS A 193 -8.42 -4.98 -11.96
C HIS A 193 -8.81 -4.31 -13.28
N ALA A 194 -8.08 -3.26 -13.68
CA ALA A 194 -8.21 -2.56 -14.98
C ALA A 194 -7.61 -3.44 -16.09
N PRO A 195 -7.97 -3.22 -17.37
CA PRO A 195 -7.26 -3.88 -18.48
C PRO A 195 -5.79 -3.48 -18.62
N ALA A 196 -5.00 -4.37 -19.22
CA ALA A 196 -3.54 -4.18 -19.41
C ALA A 196 -3.25 -3.21 -20.57
N THR A 197 -2.17 -2.46 -20.46
CA THR A 197 -1.72 -1.48 -21.47
C THR A 197 -0.34 -1.83 -22.03
N VAL A 198 0.57 -2.29 -21.17
CA VAL A 198 1.97 -2.55 -21.61
C VAL A 198 2.36 -4.00 -21.36
N CYS A 199 2.53 -4.78 -22.42
CA CYS A 199 3.12 -6.14 -22.36
C CYS A 199 4.43 -6.12 -23.10
N GLY A 200 5.22 -7.17 -22.90
CA GLY A 200 6.52 -7.32 -23.57
C GLY A 200 6.37 -7.87 -24.98
N PRO A 201 7.50 -8.16 -25.65
CA PRO A 201 7.48 -8.74 -26.98
C PRO A 201 6.87 -10.14 -27.04
N LYS A 202 7.07 -10.94 -26.00
CA LYS A 202 6.67 -12.37 -26.01
C LYS A 202 5.18 -12.53 -25.72
N LYS A 203 4.51 -11.49 -25.21
CA LYS A 203 3.03 -11.50 -25.10
C LYS A 203 2.45 -10.48 -26.06
N THR B 7 -37.52 -10.78 33.06
CA THR B 7 -37.89 -9.37 33.41
C THR B 7 -37.08 -8.39 32.55
N ASN B 8 -35.92 -8.82 32.06
CA ASN B 8 -35.01 -7.95 31.29
C ASN B 8 -34.95 -8.38 29.83
N LEU B 9 -34.82 -7.39 28.95
CA LEU B 9 -34.96 -7.49 27.47
C LEU B 9 -33.85 -8.37 26.85
N CYS B 10 -34.15 -8.97 25.71
CA CYS B 10 -33.19 -9.74 24.88
C CYS B 10 -32.29 -8.80 24.08
N PRO B 11 -30.96 -9.10 24.01
CA PRO B 11 -29.96 -8.21 23.39
C PRO B 11 -29.78 -8.26 21.85
N PHE B 12 -30.64 -7.58 21.12
CA PHE B 12 -30.63 -7.76 19.65
C PHE B 12 -29.62 -6.86 18.95
N GLY B 13 -28.99 -5.90 19.63
CA GLY B 13 -27.85 -5.18 19.04
C GLY B 13 -26.64 -6.09 18.90
N GLU B 14 -26.53 -7.07 19.79
CA GLU B 14 -25.33 -7.93 19.93
C GLU B 14 -25.22 -8.89 18.73
N VAL B 15 -26.31 -9.16 18.03
CA VAL B 15 -26.19 -9.86 16.72
C VAL B 15 -26.35 -8.88 15.57
N PHE B 16 -27.16 -7.84 15.71
CA PHE B 16 -27.49 -7.04 14.50
C PHE B 16 -26.46 -5.93 14.28
N ASN B 17 -26.13 -5.20 15.35
CA ASN B 17 -25.14 -4.10 15.26
C ASN B 17 -23.76 -4.64 15.66
N ALA B 18 -23.54 -5.95 15.53
CA ALA B 18 -22.29 -6.64 15.90
C ALA B 18 -21.15 -6.18 14.98
N THR B 19 -19.94 -6.12 15.50
CA THR B 19 -18.80 -5.55 14.74
C THR B 19 -18.36 -6.57 13.68
N ARG B 20 -17.92 -7.73 14.13
CA ARG B 20 -17.36 -8.77 13.23
C ARG B 20 -18.49 -9.67 12.76
N PHE B 21 -18.61 -9.88 11.46
CA PHE B 21 -19.53 -10.93 10.95
C PHE B 21 -18.66 -12.07 10.46
N ALA B 22 -19.16 -13.28 10.50
CA ALA B 22 -18.35 -14.47 10.19
C ALA B 22 -18.54 -14.86 8.73
N SER B 23 -17.58 -15.58 8.20
CA SER B 23 -17.76 -16.25 6.90
C SER B 23 -18.73 -17.41 7.08
N VAL B 24 -19.31 -17.91 6.00
CA VAL B 24 -20.32 -18.99 6.13
C VAL B 24 -19.68 -20.32 6.49
N TYR B 25 -18.42 -20.57 6.14
CA TYR B 25 -17.80 -21.87 6.44
C TYR B 25 -17.57 -21.96 7.95
N ALA B 26 -17.53 -20.81 8.61
CA ALA B 26 -17.34 -20.69 10.08
C ALA B 26 -18.42 -19.78 10.63
N TRP B 27 -19.67 -20.08 10.31
CA TRP B 27 -20.83 -19.26 10.73
C TRP B 27 -20.91 -19.12 12.26
N ASN B 28 -21.29 -17.92 12.69
CA ASN B 28 -21.47 -17.61 14.12
C ASN B 28 -22.67 -18.39 14.63
N ARG B 29 -22.57 -18.83 15.87
CA ARG B 29 -23.72 -19.33 16.65
C ARG B 29 -23.80 -18.50 17.93
N LYS B 30 -24.94 -17.90 18.22
CA LYS B 30 -25.11 -17.20 19.52
C LYS B 30 -26.39 -17.68 20.20
N ARG B 31 -26.29 -18.63 21.13
CA ARG B 31 -27.44 -19.10 21.93
C ARG B 31 -27.97 -17.92 22.76
N ILE B 32 -29.30 -17.78 22.84
CA ILE B 32 -29.88 -16.72 23.71
C ILE B 32 -31.12 -17.27 24.41
N SER B 33 -31.06 -17.36 25.73
CA SER B 33 -32.23 -17.73 26.54
C SER B 33 -32.46 -16.67 27.60
N ASN B 34 -33.50 -16.86 28.40
CA ASN B 34 -33.73 -16.26 29.74
C ASN B 34 -34.00 -14.75 29.63
N CYS B 35 -34.79 -14.32 28.65
CA CYS B 35 -35.08 -12.87 28.48
C CYS B 35 -36.44 -12.68 27.81
N VAL B 36 -36.72 -11.48 27.34
CA VAL B 36 -38.03 -11.10 26.74
C VAL B 36 -37.76 -10.29 25.46
N ALA B 37 -38.51 -10.58 24.40
CA ALA B 37 -38.15 -10.17 23.02
C ALA B 37 -39.34 -9.56 22.30
N ASP B 38 -39.24 -8.28 21.97
CA ASP B 38 -40.21 -7.65 21.05
C ASP B 38 -39.69 -7.85 19.62
N TYR B 39 -40.28 -8.78 18.89
CA TYR B 39 -39.83 -9.08 17.52
C TYR B 39 -40.34 -7.99 16.59
N SER B 40 -41.34 -7.23 17.04
CA SER B 40 -41.91 -6.13 16.24
C SER B 40 -40.82 -5.09 16.01
N VAL B 41 -40.02 -4.77 17.03
CA VAL B 41 -39.01 -3.68 16.91
C VAL B 41 -37.99 -4.07 15.84
N LEU B 42 -37.67 -5.36 15.73
CA LEU B 42 -36.68 -5.79 14.73
C LEU B 42 -37.21 -5.41 13.35
N TYR B 43 -38.46 -5.76 13.06
CA TYR B 43 -39.07 -5.39 11.75
C TYR B 43 -39.23 -3.87 11.69
N ASN B 44 -39.46 -3.22 12.83
CA ASN B 44 -39.67 -1.75 12.86
C ASN B 44 -38.42 -1.06 12.31
N SER B 45 -37.22 -1.58 12.58
CA SER B 45 -36.03 -1.04 11.87
C SER B 45 -36.28 -1.20 10.38
N ALA B 46 -36.24 -0.10 9.62
CA ALA B 46 -36.63 -0.10 8.18
C ALA B 46 -35.59 -0.84 7.35
N SER B 47 -34.34 -0.93 7.80
CA SER B 47 -33.25 -1.47 6.96
C SER B 47 -33.22 -3.00 7.01
N PHE B 48 -34.17 -3.69 6.37
CA PHE B 48 -34.14 -5.17 6.25
C PHE B 48 -34.70 -5.57 4.89
N SER B 49 -33.88 -6.13 4.02
CA SER B 49 -34.33 -6.63 2.70
C SER B 49 -35.20 -7.88 2.90
N THR B 50 -34.82 -8.77 3.81
CA THR B 50 -35.51 -10.07 4.01
C THR B 50 -35.91 -10.24 5.48
N PHE B 51 -37.15 -10.61 5.75
CA PHE B 51 -37.61 -10.94 7.12
C PHE B 51 -38.52 -12.15 7.05
N LYS B 52 -38.18 -13.13 6.23
CA LYS B 52 -38.98 -14.36 6.05
C LYS B 52 -39.05 -15.13 7.36
N CYS B 53 -40.20 -15.65 7.75
CA CYS B 53 -40.28 -16.60 8.89
C CYS B 53 -40.94 -17.87 8.38
N TYR B 54 -40.42 -19.03 8.75
CA TYR B 54 -40.94 -20.34 8.31
C TYR B 54 -41.43 -21.13 9.52
N GLY B 55 -42.57 -21.81 9.42
CA GLY B 55 -43.04 -22.73 10.47
C GLY B 55 -43.63 -22.01 11.67
N VAL B 56 -43.60 -20.69 11.67
CA VAL B 56 -44.35 -19.83 12.63
C VAL B 56 -44.95 -18.69 11.84
N SER B 57 -45.88 -17.97 12.45
CA SER B 57 -46.55 -16.85 11.75
C SER B 57 -45.96 -15.55 12.27
N PRO B 58 -45.37 -14.69 11.39
CA PRO B 58 -44.47 -13.61 11.84
C PRO B 58 -45.18 -12.42 12.50
N THR B 59 -46.32 -12.04 11.94
CA THR B 59 -47.28 -11.20 12.68
C THR B 59 -47.76 -12.01 13.88
N LYS B 60 -47.69 -11.39 15.06
CA LYS B 60 -47.85 -12.04 16.39
C LYS B 60 -46.84 -13.17 16.54
N LEU B 61 -45.56 -12.83 16.43
CA LEU B 61 -44.45 -13.61 17.06
C LEU B 61 -44.37 -13.25 18.53
N ASN B 62 -44.88 -12.08 18.92
CA ASN B 62 -44.78 -11.55 20.30
C ASN B 62 -45.59 -12.38 21.28
N ASP B 63 -46.59 -13.13 20.78
CA ASP B 63 -47.48 -13.94 21.63
C ASP B 63 -46.98 -15.38 21.74
N LEU B 64 -45.72 -15.67 21.43
CA LEU B 64 -45.17 -17.04 21.58
C LEU B 64 -44.11 -17.07 22.68
N CYS B 65 -43.68 -18.28 23.04
CA CYS B 65 -42.62 -18.52 24.04
C CYS B 65 -41.83 -19.76 23.63
N PHE B 66 -40.51 -19.71 23.78
CA PHE B 66 -39.66 -20.85 23.32
C PHE B 66 -38.67 -21.28 24.41
N THR B 67 -38.28 -22.55 24.35
CA THR B 67 -37.29 -23.13 25.29
C THR B 67 -35.92 -22.46 25.06
N ASN B 68 -35.56 -22.20 23.80
CA ASN B 68 -34.21 -21.66 23.48
C ASN B 68 -34.18 -21.03 22.08
N VAL B 69 -33.36 -20.01 21.88
CA VAL B 69 -33.06 -19.47 20.52
C VAL B 69 -31.58 -19.75 20.24
N TYR B 70 -31.29 -20.38 19.12
CA TYR B 70 -29.93 -20.41 18.55
C TYR B 70 -29.93 -19.49 17.32
N ALA B 71 -29.30 -18.32 17.45
CA ALA B 71 -29.43 -17.18 16.51
C ALA B 71 -28.16 -17.00 15.66
N ASP B 72 -28.10 -17.68 14.52
CA ASP B 72 -26.87 -17.78 13.71
C ASP B 72 -26.73 -16.56 12.79
N SER B 73 -25.50 -16.20 12.46
CA SER B 73 -25.21 -15.00 11.62
C SER B 73 -23.99 -15.24 10.75
N PHE B 74 -24.00 -14.80 9.49
CA PHE B 74 -22.91 -15.06 8.52
C PHE B 74 -23.00 -14.08 7.36
N VAL B 75 -22.01 -14.09 6.46
CA VAL B 75 -22.04 -13.21 5.27
C VAL B 75 -22.01 -14.04 3.98
N ILE B 76 -23.06 -13.91 3.18
CA ILE B 76 -23.15 -14.53 1.84
C ILE B 76 -23.38 -13.46 0.78
N ARG B 77 -23.18 -13.90 -0.45
CA ARG B 77 -23.64 -13.25 -1.69
C ARG B 77 -25.16 -13.08 -1.65
N GLY B 78 -25.68 -11.97 -2.15
CA GLY B 78 -27.13 -11.68 -2.16
C GLY B 78 -27.95 -12.64 -3.01
N ASP B 79 -27.33 -13.27 -4.03
CA ASP B 79 -27.87 -14.44 -4.76
C ASP B 79 -28.29 -15.51 -3.79
N GLU B 80 -27.37 -15.86 -2.90
CA GLU B 80 -27.38 -17.12 -2.12
C GLU B 80 -28.38 -17.06 -0.96
N VAL B 81 -29.02 -15.92 -0.71
CA VAL B 81 -30.06 -15.73 0.35
C VAL B 81 -31.27 -16.63 0.07
N ARG B 82 -31.51 -16.96 -1.21
CA ARG B 82 -32.44 -18.05 -1.65
C ARG B 82 -32.13 -19.34 -0.89
N GLN B 83 -30.86 -19.71 -0.75
CA GLN B 83 -30.49 -21.04 -0.20
C GLN B 83 -30.67 -21.08 1.32
N ILE B 84 -30.82 -19.94 2.00
CA ILE B 84 -30.97 -19.95 3.49
C ILE B 84 -32.45 -20.11 3.80
N ALA B 85 -32.90 -21.35 3.63
CA ALA B 85 -34.31 -21.74 3.50
C ALA B 85 -34.37 -23.26 3.57
N PRO B 86 -35.41 -23.83 4.22
CA PRO B 86 -35.66 -25.25 4.18
C PRO B 86 -35.82 -25.80 2.76
N GLY B 87 -35.24 -26.97 2.52
CA GLY B 87 -35.37 -27.69 1.25
C GLY B 87 -34.81 -26.91 0.10
N GLN B 88 -33.64 -26.30 0.27
CA GLN B 88 -32.91 -25.72 -0.87
C GLN B 88 -31.65 -26.55 -1.09
N THR B 89 -31.00 -26.37 -2.22
CA THR B 89 -29.66 -26.94 -2.46
C THR B 89 -28.72 -25.84 -2.94
N GLY B 90 -27.46 -26.18 -3.18
CA GLY B 90 -26.51 -25.23 -3.77
C GLY B 90 -25.09 -25.48 -3.34
N LYS B 91 -24.32 -24.40 -3.20
CA LYS B 91 -23.02 -24.48 -2.52
C LYS B 91 -23.29 -24.25 -1.04
N ILE B 92 -24.08 -23.24 -0.73
CA ILE B 92 -24.20 -22.72 0.65
C ILE B 92 -25.09 -23.67 1.44
N ALA B 93 -26.18 -24.14 0.84
CA ALA B 93 -27.08 -25.06 1.58
C ALA B 93 -26.44 -26.45 1.66
N ASP B 94 -25.77 -26.89 0.61
CA ASP B 94 -25.16 -28.24 0.67
C ASP B 94 -23.87 -28.27 1.50
N TYR B 95 -23.01 -27.26 1.40
CA TYR B 95 -21.62 -27.40 1.91
C TYR B 95 -21.28 -26.41 3.04
N ASN B 96 -22.13 -25.45 3.39
CA ASN B 96 -21.75 -24.31 4.26
C ASN B 96 -22.68 -24.10 5.45
N TYR B 97 -23.99 -24.15 5.23
CA TYR B 97 -25.01 -23.91 6.26
C TYR B 97 -26.34 -24.46 5.75
N LYS B 98 -26.88 -25.46 6.45
CA LYS B 98 -28.12 -26.15 6.01
C LYS B 98 -29.20 -25.98 7.07
N LEU B 99 -30.32 -25.38 6.71
CA LEU B 99 -31.49 -25.44 7.62
C LEU B 99 -32.15 -26.80 7.46
N PRO B 100 -32.87 -27.30 8.50
CA PRO B 100 -33.58 -28.56 8.34
C PRO B 100 -34.86 -28.34 7.50
N ASP B 101 -35.41 -29.44 7.03
CA ASP B 101 -36.64 -29.40 6.20
C ASP B 101 -37.81 -28.96 7.06
N ASP B 102 -37.82 -29.36 8.33
CA ASP B 102 -38.90 -28.99 9.28
C ASP B 102 -38.51 -27.75 10.10
N PHE B 103 -37.81 -26.80 9.47
CA PHE B 103 -37.26 -25.62 10.17
C PHE B 103 -38.36 -24.75 10.74
N THR B 104 -38.13 -24.34 11.96
CA THR B 104 -39.03 -23.42 12.65
C THR B 104 -38.22 -22.20 13.03
N GLY B 105 -38.46 -21.09 12.36
CA GLY B 105 -37.82 -19.83 12.77
C GLY B 105 -37.94 -18.77 11.73
N CYS B 106 -36.93 -17.91 11.66
CA CYS B 106 -36.93 -16.72 10.78
C CYS B 106 -35.58 -16.56 10.11
N VAL B 107 -35.59 -15.95 8.92
CA VAL B 107 -34.36 -15.60 8.17
C VAL B 107 -34.41 -14.11 7.88
N ILE B 108 -33.43 -13.38 8.41
CA ILE B 108 -33.39 -11.91 8.30
C ILE B 108 -32.14 -11.56 7.51
N ALA B 109 -32.25 -10.63 6.56
CA ALA B 109 -31.07 -10.22 5.78
C ALA B 109 -31.19 -8.76 5.39
N TRP B 110 -30.04 -8.14 5.19
CA TRP B 110 -29.97 -6.74 4.73
C TRP B 110 -28.66 -6.55 3.99
N ASN B 111 -28.72 -5.68 2.99
CA ASN B 111 -27.57 -5.35 2.12
C ASN B 111 -26.52 -4.59 2.91
N SER B 112 -25.27 -5.04 2.83
CA SER B 112 -24.16 -4.43 3.59
C SER B 112 -23.00 -4.23 2.64
N ASN B 113 -23.27 -3.59 1.51
CA ASN B 113 -22.22 -3.29 0.52
C ASN B 113 -21.27 -2.23 1.08
N ASN B 114 -21.82 -1.33 1.87
CA ASN B 114 -21.09 -0.16 2.41
C ASN B 114 -20.31 -0.52 3.67
N LEU B 115 -20.38 -1.74 4.17
CA LEU B 115 -19.54 -2.19 5.30
C LEU B 115 -18.55 -3.27 4.83
N ASP B 116 -19.04 -4.28 4.13
CA ASP B 116 -18.32 -5.56 3.96
C ASP B 116 -17.71 -5.68 2.57
N SER B 117 -17.58 -4.59 1.84
CA SER B 117 -16.86 -4.60 0.55
C SER B 117 -15.91 -3.43 0.51
N LYS B 118 -14.63 -3.69 0.39
CA LYS B 118 -13.64 -2.64 0.09
C LYS B 118 -13.20 -2.80 -1.36
N VAL B 119 -12.50 -1.79 -1.86
CA VAL B 119 -12.18 -1.64 -3.30
C VAL B 119 -10.93 -2.46 -3.62
N GLY B 120 -10.96 -3.13 -4.76
CA GLY B 120 -10.01 -4.23 -5.05
C GLY B 120 -10.48 -5.55 -4.49
N GLY B 121 -11.57 -5.56 -3.74
CA GLY B 121 -12.19 -6.74 -3.12
C GLY B 121 -11.99 -6.75 -1.62
N ASN B 122 -13.00 -7.22 -0.90
CA ASN B 122 -12.86 -7.71 0.49
C ASN B 122 -12.69 -9.22 0.39
N TYR B 123 -11.46 -9.70 0.45
CA TYR B 123 -11.17 -11.15 0.26
C TYR B 123 -11.28 -11.89 1.60
N ASN B 124 -11.71 -11.21 2.66
CA ASN B 124 -11.84 -11.82 4.00
C ASN B 124 -12.95 -12.87 4.03
N TYR B 125 -14.08 -12.63 3.37
CA TYR B 125 -15.24 -13.55 3.51
C TYR B 125 -15.04 -14.76 2.60
N LEU B 126 -15.21 -15.96 3.15
CA LEU B 126 -15.01 -17.20 2.39
C LEU B 126 -16.25 -18.07 2.45
N TYR B 127 -16.21 -19.09 1.60
CA TYR B 127 -17.25 -20.15 1.50
C TYR B 127 -16.54 -21.45 1.12
N ARG B 128 -17.22 -22.54 1.46
CA ARG B 128 -16.75 -23.89 1.10
C ARG B 128 -17.34 -24.29 -0.25
N LEU B 129 -16.48 -24.80 -1.12
CA LEU B 129 -16.87 -25.18 -2.50
C LEU B 129 -16.91 -26.70 -2.63
N PHE B 130 -16.07 -27.43 -1.92
CA PHE B 130 -16.09 -28.90 -1.96
C PHE B 130 -16.24 -29.47 -0.56
N ARG B 131 -17.06 -30.50 -0.45
CA ARG B 131 -17.06 -31.35 0.76
C ARG B 131 -17.32 -32.77 0.27
N LYS B 132 -16.89 -33.74 1.05
CA LYS B 132 -17.01 -35.18 0.68
C LYS B 132 -18.48 -35.59 0.67
N SER B 133 -19.31 -34.95 1.47
CA SER B 133 -20.75 -35.23 1.53
C SER B 133 -21.43 -33.94 1.97
N ASN B 134 -22.75 -33.91 1.95
CA ASN B 134 -23.44 -32.67 2.36
C ASN B 134 -23.40 -32.53 3.88
N LEU B 135 -23.83 -31.39 4.35
CA LEU B 135 -23.90 -31.17 5.81
C LEU B 135 -25.20 -31.73 6.37
N LYS B 136 -25.16 -32.12 7.63
CA LYS B 136 -26.38 -32.19 8.49
C LYS B 136 -26.91 -30.78 8.73
N PRO B 137 -28.18 -30.64 9.12
CA PRO B 137 -28.68 -29.39 9.69
C PRO B 137 -27.85 -28.88 10.86
N PHE B 138 -27.51 -27.59 10.80
CA PHE B 138 -26.72 -26.80 11.76
C PHE B 138 -25.31 -27.38 11.99
N GLU B 139 -24.79 -28.17 11.07
CA GLU B 139 -23.39 -28.64 11.17
C GLU B 139 -22.48 -27.52 10.68
N ARG B 140 -21.39 -27.29 11.41
CA ARG B 140 -20.33 -26.35 10.99
C ARG B 140 -19.09 -27.18 10.64
N ASP B 141 -18.44 -26.84 9.52
CA ASP B 141 -17.22 -27.54 9.07
C ASP B 141 -16.16 -26.48 8.76
N ILE B 142 -15.16 -26.36 9.63
CA ILE B 142 -14.05 -25.41 9.37
C ILE B 142 -12.80 -26.17 8.94
N SER B 143 -12.94 -27.41 8.46
CA SER B 143 -11.75 -28.22 8.11
C SER B 143 -11.14 -27.63 6.86
N THR B 144 -9.83 -27.66 6.79
CA THR B 144 -9.10 -27.16 5.62
C THR B 144 -8.36 -28.32 5.00
N GLU B 145 -8.96 -29.50 5.08
CA GLU B 145 -8.33 -30.72 4.54
C GLU B 145 -8.41 -30.63 3.02
N ILE B 146 -7.37 -31.05 2.34
CA ILE B 146 -7.32 -30.92 0.86
C ILE B 146 -8.30 -31.93 0.28
N TYR B 147 -9.33 -31.45 -0.40
CA TYR B 147 -10.40 -32.31 -0.97
C TYR B 147 -9.83 -33.15 -2.11
N GLN B 148 -9.92 -34.46 -1.94
CA GLN B 148 -9.40 -35.41 -2.93
C GLN B 148 -10.51 -35.67 -3.93
N ALA B 149 -10.20 -35.49 -5.20
CA ALA B 149 -11.19 -35.62 -6.27
C ALA B 149 -10.56 -36.44 -7.38
N GLY B 150 -9.92 -37.55 -7.02
CA GLY B 150 -9.25 -38.34 -8.04
C GLY B 150 -8.59 -39.56 -7.47
N SER B 151 -7.78 -40.19 -8.31
CA SER B 151 -7.17 -41.52 -8.06
C SER B 151 -6.14 -41.43 -6.94
N THR B 152 -5.27 -40.43 -7.02
CA THR B 152 -4.14 -40.27 -6.09
C THR B 152 -4.62 -39.59 -4.81
N PRO B 153 -4.03 -39.95 -3.66
CA PRO B 153 -4.23 -39.18 -2.45
C PRO B 153 -3.56 -37.80 -2.53
N CYS B 154 -4.11 -36.89 -1.75
CA CYS B 154 -3.58 -35.52 -1.62
C CYS B 154 -2.74 -35.49 -0.35
N ASN B 155 -1.43 -35.47 -0.48
CA ASN B 155 -0.51 -35.75 0.64
C ASN B 155 -0.20 -34.46 1.38
N GLY B 156 -1.25 -33.82 1.88
CA GLY B 156 -1.18 -32.46 2.44
C GLY B 156 -1.14 -31.37 1.37
N VAL B 157 -0.81 -31.70 0.12
CA VAL B 157 -0.44 -30.71 -0.90
C VAL B 157 -1.57 -30.59 -1.93
N GLU B 158 -1.99 -29.37 -2.16
CA GLU B 158 -2.86 -28.99 -3.31
C GLU B 158 -2.13 -29.27 -4.63
N GLY B 159 -2.87 -29.82 -5.58
CA GLY B 159 -2.25 -30.34 -6.81
C GLY B 159 -3.26 -30.51 -7.91
N PHE B 160 -3.06 -31.54 -8.72
CA PHE B 160 -3.84 -31.74 -9.95
C PHE B 160 -5.23 -32.31 -9.66
N ASN B 161 -5.35 -33.34 -8.81
CA ASN B 161 -6.69 -33.84 -8.40
C ASN B 161 -7.12 -33.14 -7.13
N CYS B 162 -6.24 -32.32 -6.57
CA CYS B 162 -6.25 -31.96 -5.14
C CYS B 162 -6.54 -30.48 -5.01
N TYR B 163 -7.67 -30.15 -4.42
CA TYR B 163 -8.06 -28.74 -4.38
C TYR B 163 -8.33 -28.36 -2.94
N PHE B 164 -8.02 -27.12 -2.66
CA PHE B 164 -8.29 -26.54 -1.34
C PHE B 164 -9.77 -26.22 -1.27
N PRO B 165 -10.47 -26.61 -0.19
CA PRO B 165 -11.93 -26.58 -0.20
C PRO B 165 -12.59 -25.21 -0.04
N LEU B 166 -11.81 -24.16 0.12
CA LEU B 166 -12.38 -22.84 0.51
C LEU B 166 -11.95 -21.82 -0.52
N GLN B 167 -12.90 -21.02 -0.99
CA GLN B 167 -12.53 -19.90 -1.88
C GLN B 167 -13.16 -18.62 -1.40
N SER B 168 -12.61 -17.52 -1.89
CA SER B 168 -13.03 -16.18 -1.46
C SER B 168 -14.17 -15.66 -2.33
N TYR B 169 -15.06 -14.88 -1.72
CA TYR B 169 -16.05 -14.08 -2.47
C TYR B 169 -15.35 -12.95 -3.20
N GLY B 170 -14.55 -12.16 -2.49
CA GLY B 170 -13.91 -10.98 -3.08
C GLY B 170 -14.90 -9.89 -3.42
N PHE B 171 -15.67 -9.46 -2.43
CA PHE B 171 -16.74 -8.46 -2.60
C PHE B 171 -16.15 -7.10 -3.00
N GLN B 172 -16.36 -6.77 -4.27
CA GLN B 172 -16.12 -5.42 -4.83
C GLN B 172 -17.33 -4.57 -4.52
N PRO B 173 -17.15 -3.24 -4.40
CA PRO B 173 -18.30 -2.33 -4.34
C PRO B 173 -19.04 -2.16 -5.67
N THR B 174 -18.41 -2.50 -6.77
CA THR B 174 -18.96 -2.23 -8.12
C THR B 174 -19.77 -3.41 -8.63
N ASN B 175 -19.91 -4.47 -7.85
CA ASN B 175 -20.57 -5.71 -8.34
C ASN B 175 -22.07 -5.50 -8.47
N GLY B 176 -22.68 -6.34 -9.31
CA GLY B 176 -24.14 -6.45 -9.43
C GLY B 176 -24.75 -6.89 -8.11
N VAL B 177 -26.02 -6.55 -7.90
CA VAL B 177 -26.67 -6.59 -6.55
C VAL B 177 -26.87 -8.04 -6.09
N GLY B 178 -26.84 -9.00 -7.02
CA GLY B 178 -26.74 -10.42 -6.67
C GLY B 178 -25.38 -10.78 -6.06
N TYR B 179 -24.31 -10.14 -6.50
CA TYR B 179 -22.94 -10.50 -6.08
C TYR B 179 -22.40 -9.53 -5.02
N GLN B 180 -23.30 -8.87 -4.29
CA GLN B 180 -22.99 -7.88 -3.23
C GLN B 180 -23.16 -8.55 -1.88
N PRO B 181 -22.42 -8.12 -0.83
CA PRO B 181 -22.48 -8.85 0.44
C PRO B 181 -23.75 -8.55 1.23
N TYR B 182 -24.45 -9.62 1.61
CA TYR B 182 -25.58 -9.47 2.55
C TYR B 182 -25.22 -10.18 3.84
N ARG B 183 -25.58 -9.52 4.93
CA ARG B 183 -25.41 -10.05 6.29
C ARG B 183 -26.73 -10.69 6.67
N VAL B 184 -26.67 -11.96 7.04
CA VAL B 184 -27.88 -12.77 7.34
C VAL B 184 -27.90 -13.08 8.83
N VAL B 185 -29.06 -12.98 9.46
CA VAL B 185 -29.26 -13.56 10.81
C VAL B 185 -30.38 -14.61 10.76
N VAL B 186 -30.07 -15.82 11.16
CA VAL B 186 -31.05 -16.93 11.23
C VAL B 186 -31.48 -17.11 12.69
N LEU B 187 -32.68 -16.67 13.04
CA LEU B 187 -33.25 -17.01 14.36
C LEU B 187 -33.83 -18.41 14.28
N SER B 188 -33.11 -19.43 14.69
CA SER B 188 -33.78 -20.75 14.82
C SER B 188 -34.54 -20.74 16.14
N PHE B 189 -35.58 -21.54 16.22
CA PHE B 189 -36.34 -21.70 17.48
C PHE B 189 -36.33 -23.17 17.87
N GLU B 190 -36.28 -23.40 19.17
CA GLU B 190 -36.19 -24.74 19.76
C GLU B 190 -37.32 -24.88 20.76
N LEU B 191 -37.76 -26.11 20.95
CA LEU B 191 -38.76 -26.39 22.00
C LEU B 191 -38.47 -27.78 22.56
N LEU B 192 -38.29 -27.88 23.86
CA LEU B 192 -38.05 -29.18 24.53
C LEU B 192 -39.04 -29.29 25.68
N HIS B 193 -38.95 -30.36 26.47
CA HIS B 193 -39.83 -30.55 27.65
C HIS B 193 -39.52 -29.49 28.70
N ALA B 194 -38.29 -28.97 28.71
CA ALA B 194 -37.85 -27.94 29.69
C ALA B 194 -38.68 -26.68 29.53
N PRO B 195 -38.97 -25.93 30.61
CA PRO B 195 -39.82 -24.74 30.55
C PRO B 195 -39.27 -23.60 29.68
N ALA B 196 -40.17 -22.80 29.13
CA ALA B 196 -39.80 -21.71 28.19
C ALA B 196 -38.91 -20.67 28.89
N THR B 197 -37.90 -20.17 28.19
CA THR B 197 -36.98 -19.14 28.74
C THR B 197 -37.21 -17.79 28.06
N VAL B 198 -37.64 -17.78 26.81
CA VAL B 198 -37.77 -16.50 26.04
C VAL B 198 -39.23 -16.30 25.64
N CYS B 199 -39.75 -15.08 25.81
CA CYS B 199 -41.15 -14.74 25.48
C CYS B 199 -41.19 -13.34 24.90
N GLY B 200 -42.39 -12.83 24.67
CA GLY B 200 -42.59 -11.47 24.18
C GLY B 200 -43.41 -10.64 25.15
N PRO B 201 -43.96 -9.51 24.68
CA PRO B 201 -45.01 -8.80 25.42
C PRO B 201 -46.26 -9.67 25.64
N LYS B 202 -46.76 -9.68 26.88
CA LYS B 202 -47.79 -10.63 27.32
C LYS B 202 -49.17 -10.18 26.82
N GLN C 5 11.76 22.80 -25.23
CA GLN C 5 12.30 22.58 -23.85
C GLN C 5 12.06 23.88 -23.07
N VAL C 6 12.40 23.87 -21.79
CA VAL C 6 12.14 24.98 -20.85
C VAL C 6 13.37 25.87 -20.83
N GLN C 7 13.17 27.19 -20.91
CA GLN C 7 14.29 28.16 -20.78
C GLN C 7 14.00 29.18 -19.68
N LEU C 8 15.08 29.75 -19.14
CA LEU C 8 14.98 30.81 -18.11
C LEU C 8 15.75 32.06 -18.55
N GLN C 9 15.12 33.23 -18.47
CA GLN C 9 15.76 34.50 -18.88
C GLN C 9 16.25 35.26 -17.65
N GLU C 10 17.51 35.04 -17.30
CA GLU C 10 18.13 35.86 -16.24
C GLU C 10 18.42 37.25 -16.76
N SER C 11 18.08 38.26 -15.98
CA SER C 11 18.48 39.62 -16.32
C SER C 11 18.79 40.38 -15.03
N GLY C 12 19.70 41.33 -15.15
CA GLY C 12 20.14 42.15 -14.03
C GLY C 12 21.58 41.86 -13.69
N GLY C 13 22.12 42.68 -12.81
CA GLY C 13 23.47 42.43 -12.29
C GLY C 13 24.46 43.46 -12.76
N GLY C 14 25.71 43.23 -12.39
CA GLY C 14 26.83 44.14 -12.68
C GLY C 14 27.59 44.57 -11.44
N LEU C 15 28.32 45.67 -11.56
CA LEU C 15 29.13 46.25 -10.46
C LEU C 15 28.28 47.21 -9.67
N VAL C 16 28.47 47.27 -8.36
CA VAL C 16 27.85 48.35 -7.55
C VAL C 16 28.79 48.79 -6.43
N GLN C 17 28.63 50.04 -6.02
CA GLN C 17 29.24 50.60 -4.80
C GLN C 17 28.59 49.92 -3.59
N ALA C 18 29.36 49.80 -2.50
CA ALA C 18 28.82 49.28 -1.23
C ALA C 18 27.72 50.22 -0.71
N GLY C 19 26.61 49.65 -0.27
CA GLY C 19 25.40 50.41 0.04
C GLY C 19 24.51 50.59 -1.18
N GLY C 20 24.95 50.16 -2.37
CA GLY C 20 24.14 50.29 -3.59
C GLY C 20 22.96 49.32 -3.64
N SER C 21 22.13 49.46 -4.66
CA SER C 21 21.05 48.48 -4.89
C SER C 21 21.24 47.81 -6.25
N LEU C 22 20.39 46.82 -6.51
CA LEU C 22 20.27 46.09 -7.78
C LEU C 22 18.86 45.50 -7.85
N ARG C 23 18.52 44.95 -9.00
CA ARG C 23 17.36 44.06 -9.09
C ARG C 23 17.63 42.99 -10.13
N LEU C 24 17.55 41.74 -9.69
CA LEU C 24 17.62 40.58 -10.60
C LEU C 24 16.21 40.14 -10.96
N SER C 25 16.06 39.64 -12.18
CA SER C 25 14.83 38.96 -12.62
C SER C 25 15.21 37.66 -13.31
N CYS C 26 14.22 36.78 -13.38
CA CYS C 26 14.34 35.45 -13.99
C CYS C 26 12.95 35.13 -14.49
N ALA C 27 12.77 35.09 -15.80
CA ALA C 27 11.45 34.80 -16.40
C ALA C 27 11.49 33.41 -17.01
N ALA C 28 10.41 32.68 -16.82
CA ALA C 28 10.35 31.23 -17.10
C ALA C 28 9.39 30.96 -18.24
N SER C 29 9.82 30.12 -19.16
CA SER C 29 9.01 29.72 -20.31
C SER C 29 9.35 28.29 -20.69
N GLY C 30 8.34 27.51 -21.03
CA GLY C 30 8.58 26.18 -21.62
C GLY C 30 7.74 25.09 -20.98
N SER C 31 6.89 25.45 -20.00
CA SER C 31 6.24 24.47 -19.11
C SER C 31 5.07 25.15 -18.38
N ASP C 32 4.48 24.40 -17.45
CA ASP C 32 3.43 24.90 -16.54
C ASP C 32 4.10 25.31 -15.23
N PHE C 33 4.03 26.59 -14.89
CA PHE C 33 4.71 27.10 -13.69
C PHE C 33 3.69 27.46 -12.62
N SER C 34 2.51 26.89 -12.73
CA SER C 34 1.48 26.92 -11.66
C SER C 34 2.07 26.24 -10.42
N SER C 35 1.98 26.93 -9.28
CA SER C 35 2.38 26.42 -7.94
C SER C 35 3.87 26.04 -7.89
N SER C 36 4.69 26.60 -8.77
CA SER C 36 6.08 26.16 -8.92
C SER C 36 6.94 26.86 -7.86
N THR C 37 8.21 26.51 -7.86
CA THR C 37 9.15 27.00 -6.83
C THR C 37 10.22 27.80 -7.57
N MET C 38 10.34 29.07 -7.21
CA MET C 38 11.23 30.01 -7.91
C MET C 38 12.02 30.83 -6.90
N GLY C 39 13.28 31.06 -7.18
CA GLY C 39 14.08 31.96 -6.34
C GLY C 39 15.55 31.81 -6.63
N TRP C 40 16.39 32.43 -5.81
CA TRP C 40 17.81 32.60 -6.17
C TRP C 40 18.75 31.91 -5.19
N TYR C 41 19.88 31.47 -5.71
CA TYR C 41 20.97 30.85 -4.92
C TYR C 41 22.22 31.60 -5.34
N ARG C 42 23.26 31.64 -4.53
CA ARG C 42 24.46 32.42 -4.93
C ARG C 42 25.70 31.58 -4.66
N GLN C 43 26.74 31.78 -5.46
CA GLN C 43 28.01 31.06 -5.19
C GLN C 43 29.17 32.05 -5.29
N ALA C 44 29.67 32.47 -4.12
CA ALA C 44 30.95 33.20 -3.99
C ALA C 44 32.08 32.26 -4.40
N PRO C 45 33.17 32.75 -5.03
CA PRO C 45 34.17 31.86 -5.62
C PRO C 45 34.99 31.09 -4.58
N GLY C 46 35.10 29.78 -4.80
CA GLY C 46 35.74 28.84 -3.86
C GLY C 46 34.80 28.40 -2.74
N LYS C 47 33.68 29.08 -2.51
CA LYS C 47 32.70 28.66 -1.50
C LYS C 47 31.68 27.71 -2.14
N GLN C 48 30.96 26.97 -1.31
CA GLN C 48 29.76 26.23 -1.74
C GLN C 48 28.70 27.22 -2.21
N ARG C 49 27.89 26.81 -3.17
CA ARG C 49 26.64 27.53 -3.47
C ARG C 49 25.70 27.38 -2.28
N GLU C 50 25.05 28.45 -1.90
CA GLU C 50 24.15 28.54 -0.73
C GLU C 50 22.88 29.22 -1.23
N PHE C 51 21.78 29.11 -0.51
CA PHE C 51 20.55 29.72 -1.04
C PHE C 51 20.48 31.19 -0.61
N VAL C 52 19.65 31.97 -1.27
CA VAL C 52 19.47 33.39 -0.87
C VAL C 52 18.02 33.63 -0.51
N ALA C 53 17.14 33.58 -1.50
CA ALA C 53 15.70 33.80 -1.26
C ALA C 53 14.93 32.98 -2.26
N ILE C 54 13.81 32.44 -1.83
CA ILE C 54 13.09 31.39 -2.59
C ILE C 54 11.63 31.43 -2.18
N SER C 55 10.74 31.18 -3.12
CA SER C 55 9.30 31.00 -2.87
C SER C 55 8.99 29.62 -3.40
N SER C 56 8.67 28.69 -2.52
CA SER C 56 7.80 27.58 -2.95
C SER C 56 6.37 28.05 -2.76
N GLU C 57 5.44 27.16 -3.06
CA GLU C 57 4.02 27.52 -3.15
C GLU C 57 3.47 27.83 -1.75
N GLY C 58 3.94 27.11 -0.73
CA GLY C 58 3.47 27.34 0.64
C GLY C 58 4.01 28.64 1.19
N SER C 59 5.33 28.73 1.24
CA SER C 59 6.00 29.79 2.00
C SER C 59 7.11 30.34 1.14
N THR C 60 7.34 31.63 1.27
CA THR C 60 8.62 32.19 0.83
C THR C 60 9.61 32.18 2.00
N SER C 61 10.88 32.34 1.70
CA SER C 61 11.96 31.91 2.62
C SER C 61 13.30 32.58 2.30
N TYR C 62 13.98 33.13 3.31
CA TYR C 62 15.13 34.04 3.11
C TYR C 62 16.35 33.54 3.89
N ALA C 63 17.53 33.83 3.35
CA ALA C 63 18.81 33.48 4.02
C ALA C 63 19.04 34.42 5.20
N GLY C 64 19.94 34.03 6.09
CA GLY C 64 20.11 34.68 7.39
C GLY C 64 20.56 36.13 7.26
N SER C 65 21.54 36.39 6.39
CA SER C 65 22.17 37.72 6.32
C SER C 65 21.37 38.65 5.42
N VAL C 66 20.31 38.19 4.77
CA VAL C 66 19.66 39.06 3.76
C VAL C 66 18.28 39.48 4.26
N LYS C 67 17.91 39.13 5.48
CA LYS C 67 16.56 39.51 5.97
C LYS C 67 16.55 41.01 6.22
N GLY C 68 15.60 41.70 5.61
CA GLY C 68 15.56 43.17 5.63
C GLY C 68 16.34 43.78 4.49
N ARG C 69 17.46 43.20 4.08
CA ARG C 69 18.20 43.75 2.91
C ARG C 69 17.51 43.34 1.59
N PHE C 70 17.30 42.05 1.33
CA PHE C 70 16.84 41.61 0.00
C PHE C 70 15.35 41.26 0.06
N THR C 71 14.65 41.47 -1.04
CA THR C 71 13.21 41.14 -1.10
C THR C 71 12.89 40.35 -2.36
N ILE C 72 12.10 39.29 -2.21
CA ILE C 72 11.72 38.42 -3.34
C ILE C 72 10.25 38.65 -3.65
N SER C 73 9.94 38.84 -4.92
CA SER C 73 8.56 38.98 -5.41
C SER C 73 8.44 38.16 -6.69
N ARG C 74 7.21 37.81 -7.03
CA ARG C 74 6.92 37.17 -8.31
C ARG C 74 5.53 37.63 -8.72
N ASP C 75 5.30 37.81 -10.01
CA ASP C 75 3.91 37.72 -10.52
C ASP C 75 3.78 36.44 -11.32
N ASN C 76 2.75 35.69 -10.97
CA ASN C 76 2.49 34.36 -11.55
C ASN C 76 2.03 34.54 -13.00
N ALA C 77 1.44 35.69 -13.29
CA ALA C 77 0.95 36.08 -14.64
C ALA C 77 2.09 36.11 -15.64
N LYS C 78 3.23 36.70 -15.29
CA LYS C 78 4.32 36.81 -16.27
C LYS C 78 5.32 35.68 -16.08
N ASN C 79 5.14 34.82 -15.08
CA ASN C 79 6.04 33.69 -14.71
C ASN C 79 7.46 34.23 -14.47
N THR C 80 7.55 35.29 -13.70
CA THR C 80 8.84 35.94 -13.44
C THR C 80 8.99 36.12 -11.94
N VAL C 81 10.18 35.83 -11.44
CA VAL C 81 10.52 36.10 -10.03
C VAL C 81 11.56 37.23 -10.00
N TYR C 82 11.42 38.11 -9.02
CA TYR C 82 12.27 39.31 -8.90
C TYR C 82 13.03 39.27 -7.57
N LEU C 83 14.24 39.83 -7.59
CA LEU C 83 15.04 39.93 -6.36
C LEU C 83 15.54 41.36 -6.21
N GLN C 84 14.87 42.13 -5.35
CA GLN C 84 15.29 43.50 -5.04
C GLN C 84 16.43 43.45 -4.02
N MET C 85 17.65 43.74 -4.47
CA MET C 85 18.84 43.54 -3.61
C MET C 85 19.34 44.88 -3.06
N ASN C 86 18.85 45.26 -1.89
CA ASN C 86 19.26 46.53 -1.26
C ASN C 86 20.45 46.30 -0.33
N SER C 87 21.15 47.38 -0.03
CA SER C 87 22.11 47.54 1.10
C SER C 87 23.28 46.58 0.89
N LEU C 88 23.82 46.58 -0.32
CA LEU C 88 24.80 45.56 -0.73
C LEU C 88 26.15 45.77 -0.07
N GLU C 89 26.75 44.67 0.33
CA GLU C 89 28.03 44.63 1.06
C GLU C 89 28.98 43.81 0.22
N PRO C 90 30.31 43.99 0.35
CA PRO C 90 31.26 43.20 -0.44
C PRO C 90 31.26 41.69 -0.16
N GLU C 91 30.65 41.25 0.94
CA GLU C 91 30.35 39.82 1.18
C GLU C 91 29.37 39.28 0.13
N ASP C 92 28.49 40.13 -0.38
CA ASP C 92 27.41 39.69 -1.30
C ASP C 92 27.93 39.40 -2.71
N THR C 93 29.19 39.70 -3.00
CA THR C 93 29.83 39.35 -4.28
C THR C 93 29.79 37.83 -4.46
N ALA C 94 29.13 37.40 -5.51
CA ALA C 94 28.88 35.99 -5.88
C ALA C 94 28.29 35.97 -7.28
N VAL C 95 28.31 34.80 -7.90
CA VAL C 95 27.49 34.56 -9.12
C VAL C 95 26.10 34.15 -8.65
N TYR C 96 25.07 34.85 -9.09
CA TYR C 96 23.69 34.59 -8.60
C TYR C 96 22.93 33.76 -9.62
N TYR C 97 22.38 32.61 -9.22
CA TYR C 97 21.68 31.67 -10.14
C TYR C 97 20.21 31.56 -9.75
N CYS C 98 19.27 31.77 -10.67
CA CYS C 98 17.85 31.53 -10.35
C CYS C 98 17.55 30.05 -10.46
N ASN C 99 16.61 29.58 -9.63
CA ASN C 99 16.20 28.17 -9.60
C ASN C 99 14.71 28.13 -9.88
N VAL C 100 14.27 27.38 -10.88
CA VAL C 100 12.83 27.17 -11.12
C VAL C 100 12.60 25.66 -11.07
N VAL C 101 11.61 25.24 -10.29
CA VAL C 101 11.19 23.82 -10.21
C VAL C 101 9.72 23.72 -10.56
N ASP C 102 9.42 23.02 -11.65
CA ASP C 102 8.02 22.73 -12.08
C ASP C 102 7.61 21.38 -11.54
N ARG C 103 6.59 20.77 -12.14
CA ARG C 103 6.13 19.40 -11.80
C ARG C 103 7.10 18.33 -12.29
N TRP C 104 8.09 18.65 -13.13
CA TRP C 104 8.88 17.58 -13.76
C TRP C 104 10.36 17.67 -13.47
N TYR C 105 10.90 18.86 -13.28
CA TYR C 105 12.37 19.00 -13.13
C TYR C 105 12.70 20.23 -12.31
N ASP C 106 13.90 20.23 -11.75
CA ASP C 106 14.49 21.49 -11.28
C ASP C 106 15.38 22.02 -12.40
N TYR C 107 15.29 23.31 -12.63
CA TYR C 107 16.06 24.02 -13.69
C TYR C 107 16.84 25.15 -13.02
N TRP C 108 18.01 25.43 -13.58
CA TRP C 108 18.89 26.51 -13.09
C TRP C 108 19.14 27.53 -14.20
N GLY C 109 19.38 28.76 -13.82
CA GLY C 109 19.84 29.79 -14.76
C GLY C 109 21.32 29.64 -15.03
N GLN C 110 21.85 30.47 -15.91
CA GLN C 110 23.27 30.36 -16.28
C GLN C 110 24.11 31.10 -15.24
N GLY C 111 23.54 32.10 -14.57
CA GLY C 111 24.23 32.87 -13.52
C GLY C 111 24.56 34.27 -13.98
N THR C 112 24.09 35.28 -13.26
CA THR C 112 24.52 36.69 -13.44
C THR C 112 25.50 37.06 -12.33
N GLN C 113 26.69 37.53 -12.71
CA GLN C 113 27.70 38.01 -11.75
C GLN C 113 27.21 39.27 -11.06
N VAL C 114 27.29 39.31 -9.74
CA VAL C 114 27.06 40.55 -8.95
C VAL C 114 28.31 40.81 -8.13
N THR C 115 28.88 42.01 -8.26
CA THR C 115 30.16 42.37 -7.63
C THR C 115 29.99 43.67 -6.85
N VAL C 116 30.43 43.68 -5.59
CA VAL C 116 30.31 44.87 -4.71
C VAL C 116 31.71 45.26 -4.21
N SER C 117 32.08 46.53 -4.44
CA SER C 117 33.37 47.13 -4.02
C SER C 117 33.14 48.11 -2.85
N ALA C 118 34.20 48.33 -2.07
CA ALA C 118 34.14 48.95 -0.73
C ALA C 118 34.30 50.48 -0.79
N GLN D 5 -12.39 -8.17 21.13
CA GLN D 5 -11.97 -9.10 22.23
C GLN D 5 -10.76 -9.97 21.83
N VAL D 6 -10.87 -10.70 20.72
CA VAL D 6 -9.83 -11.67 20.28
C VAL D 6 -8.78 -10.90 19.51
N GLN D 7 -7.51 -11.15 19.80
CA GLN D 7 -6.40 -10.35 19.20
C GLN D 7 -5.42 -11.30 18.50
N LEU D 8 -5.02 -10.92 17.29
CA LEU D 8 -3.90 -11.60 16.59
C LEU D 8 -2.61 -10.77 16.67
N GLN D 9 -1.50 -11.47 16.72
CA GLN D 9 -0.17 -10.80 16.80
C GLN D 9 0.71 -11.33 15.68
N GLU D 10 0.65 -10.67 14.55
CA GLU D 10 1.57 -11.02 13.46
C GLU D 10 2.93 -10.40 13.73
N SER D 11 3.96 -11.16 13.42
CA SER D 11 5.33 -10.63 13.50
C SER D 11 6.16 -11.30 12.44
N GLY D 12 7.23 -10.64 12.03
CA GLY D 12 8.22 -11.26 11.14
C GLY D 12 8.10 -10.73 9.73
N GLY D 13 8.47 -11.53 8.74
CA GLY D 13 8.51 -11.05 7.35
C GLY D 13 9.69 -10.14 7.12
N GLY D 14 9.71 -9.52 5.96
CA GLY D 14 10.79 -8.60 5.60
C GLY D 14 11.11 -8.69 4.14
N LEU D 15 12.35 -8.36 3.79
CA LEU D 15 12.85 -8.33 2.40
C LEU D 15 14.08 -9.23 2.31
N VAL D 16 14.13 -10.08 1.29
CA VAL D 16 15.30 -10.97 1.10
C VAL D 16 15.60 -11.15 -0.40
N GLN D 17 16.87 -11.41 -0.72
CA GLN D 17 17.30 -11.80 -2.08
C GLN D 17 16.73 -13.20 -2.37
N ALA D 18 16.58 -13.51 -3.64
CA ALA D 18 16.04 -14.80 -4.11
C ALA D 18 16.92 -15.94 -3.61
N GLY D 19 16.27 -17.00 -3.17
CA GLY D 19 16.96 -18.13 -2.51
C GLY D 19 17.09 -17.92 -1.01
N GLY D 20 16.81 -16.74 -0.50
CA GLY D 20 16.89 -16.52 0.95
C GLY D 20 15.70 -17.09 1.69
N SER D 21 15.67 -16.86 2.98
CA SER D 21 14.58 -17.38 3.83
C SER D 21 14.05 -16.29 4.73
N LEU D 22 12.79 -16.40 5.11
CA LEU D 22 12.19 -15.53 6.14
C LEU D 22 11.22 -16.36 6.99
N ARG D 23 10.75 -15.78 8.08
CA ARG D 23 9.94 -16.49 9.09
C ARG D 23 8.82 -15.59 9.57
N LEU D 24 7.64 -16.16 9.74
CA LEU D 24 6.44 -15.44 10.17
C LEU D 24 5.92 -16.08 11.46
N SER D 25 5.25 -15.29 12.26
CA SER D 25 4.68 -15.78 13.54
C SER D 25 3.32 -15.13 13.74
N CYS D 26 2.37 -15.90 14.24
CA CYS D 26 1.02 -15.37 14.52
C CYS D 26 0.64 -15.90 15.90
N ALA D 27 0.25 -15.01 16.81
CA ALA D 27 -0.06 -15.38 18.20
C ALA D 27 -1.50 -15.04 18.49
N ALA D 28 -2.30 -16.06 18.76
CA ALA D 28 -3.74 -15.87 19.03
C ALA D 28 -3.98 -15.78 20.52
N SER D 29 -4.88 -14.88 20.86
CA SER D 29 -5.20 -14.58 22.27
C SER D 29 -6.65 -14.12 22.33
N GLY D 30 -7.46 -14.71 23.20
CA GLY D 30 -8.77 -14.11 23.50
C GLY D 30 -9.88 -15.12 23.65
N SER D 31 -9.67 -16.40 23.30
CA SER D 31 -10.70 -17.45 23.51
C SER D 31 -10.05 -18.83 23.44
N ASP D 32 -10.90 -19.85 23.44
CA ASP D 32 -10.51 -21.27 23.29
C ASP D 32 -10.01 -21.49 21.87
N PHE D 33 -8.71 -21.66 21.70
CA PHE D 33 -8.16 -22.04 20.37
C PHE D 33 -7.76 -23.51 20.37
N SER D 34 -8.27 -24.32 21.29
CA SER D 34 -8.23 -25.78 21.12
C SER D 34 -9.29 -26.15 20.10
N SER D 35 -8.98 -27.17 19.29
CA SER D 35 -9.79 -27.64 18.14
C SER D 35 -10.03 -26.49 17.15
N SER D 36 -8.97 -25.73 16.90
CA SER D 36 -9.04 -24.54 16.01
C SER D 36 -8.23 -24.82 14.75
N THR D 37 -8.33 -23.88 13.83
CA THR D 37 -7.59 -23.91 12.57
C THR D 37 -6.69 -22.69 12.56
N MET D 38 -5.43 -22.86 12.17
CA MET D 38 -4.44 -21.74 12.12
C MET D 38 -3.53 -21.88 10.92
N GLY D 39 -3.34 -20.79 10.21
CA GLY D 39 -2.35 -20.77 9.13
C GLY D 39 -2.33 -19.46 8.40
N TRP D 40 -1.68 -19.45 7.25
CA TRP D 40 -1.44 -18.18 6.51
C TRP D 40 -2.04 -18.23 5.10
N TYR D 41 -2.44 -17.07 4.60
CA TYR D 41 -2.92 -16.87 3.22
C TYR D 41 -2.12 -15.70 2.66
N ARG D 42 -1.93 -15.61 1.36
CA ARG D 42 -1.12 -14.51 0.79
C ARG D 42 -1.92 -13.81 -0.30
N GLN D 43 -1.59 -12.56 -0.58
CA GLN D 43 -2.28 -11.79 -1.64
C GLN D 43 -1.30 -10.76 -2.20
N ALA D 44 -0.84 -10.97 -3.42
CA ALA D 44 -0.05 -10.01 -4.23
C ALA D 44 -0.94 -8.84 -4.60
N PRO D 45 -0.42 -7.61 -4.86
CA PRO D 45 -1.28 -6.47 -5.16
C PRO D 45 -1.98 -6.61 -6.52
N GLY D 46 -3.30 -6.46 -6.48
CA GLY D 46 -4.18 -6.63 -7.65
C GLY D 46 -4.42 -8.09 -8.03
N LYS D 47 -3.89 -9.07 -7.31
CA LYS D 47 -4.15 -10.50 -7.63
C LYS D 47 -5.12 -11.10 -6.62
N GLN D 48 -5.45 -12.37 -6.76
CA GLN D 48 -6.42 -13.01 -5.85
C GLN D 48 -5.71 -13.53 -4.59
N ARG D 49 -6.49 -13.75 -3.54
CA ARG D 49 -5.91 -14.26 -2.28
C ARG D 49 -5.87 -15.79 -2.32
N GLU D 50 -4.71 -16.34 -2.09
CA GLU D 50 -4.49 -17.80 -2.11
C GLU D 50 -4.00 -18.28 -0.75
N PHE D 51 -4.43 -19.47 -0.36
CA PHE D 51 -3.95 -20.06 0.91
C PHE D 51 -2.50 -20.48 0.68
N VAL D 52 -1.70 -20.43 1.74
CA VAL D 52 -0.28 -20.85 1.66
C VAL D 52 -0.06 -22.15 2.42
N ALA D 53 -0.31 -22.12 3.72
CA ALA D 53 -0.16 -23.30 4.60
C ALA D 53 -1.08 -23.08 5.78
N ILE D 54 -1.76 -24.14 6.20
CA ILE D 54 -2.78 -24.00 7.26
C ILE D 54 -2.93 -25.32 8.02
N SER D 55 -2.91 -25.21 9.36
CA SER D 55 -3.09 -26.33 10.32
C SER D 55 -4.54 -26.36 10.74
N SER D 56 -5.33 -27.17 10.07
CA SER D 56 -6.55 -27.72 10.70
C SER D 56 -6.07 -28.77 11.70
N GLU D 57 -6.87 -28.99 12.73
CA GLU D 57 -6.53 -29.93 13.82
C GLU D 57 -6.42 -31.35 13.28
N GLY D 58 -7.31 -31.70 12.34
CA GLY D 58 -7.27 -33.01 11.66
C GLY D 58 -6.05 -33.18 10.79
N SER D 59 -5.79 -32.26 9.88
CA SER D 59 -4.54 -32.33 9.07
C SER D 59 -4.05 -30.93 8.77
N THR D 60 -2.77 -30.83 8.48
CA THR D 60 -2.18 -29.56 8.02
C THR D 60 -2.01 -29.67 6.51
N SER D 61 -2.20 -28.54 5.82
CA SER D 61 -2.42 -28.50 4.36
C SER D 61 -1.49 -27.49 3.68
N TYR D 62 -0.77 -27.90 2.65
CA TYR D 62 0.15 -27.02 1.88
C TYR D 62 -0.41 -26.74 0.48
N ALA D 63 0.01 -25.61 -0.07
CA ALA D 63 -0.24 -25.20 -1.46
C ALA D 63 0.85 -25.73 -2.37
N GLY D 64 0.56 -25.81 -3.67
CA GLY D 64 1.40 -26.53 -4.64
C GLY D 64 2.72 -25.83 -4.88
N SER D 65 2.71 -24.51 -4.83
CA SER D 65 3.90 -23.66 -5.10
C SER D 65 4.84 -23.63 -3.88
N VAL D 66 4.38 -24.04 -2.71
CA VAL D 66 5.20 -23.85 -1.48
C VAL D 66 5.61 -25.22 -0.94
N LYS D 67 5.47 -26.27 -1.74
CA LYS D 67 5.66 -27.67 -1.28
C LYS D 67 7.15 -27.89 -1.01
N GLY D 68 7.46 -28.23 0.24
CA GLY D 68 8.86 -28.50 0.66
C GLY D 68 9.64 -27.25 1.01
N ARG D 69 9.43 -26.16 0.30
CA ARG D 69 10.09 -24.87 0.62
C ARG D 69 9.51 -24.28 1.91
N PHE D 70 8.20 -24.32 2.12
CA PHE D 70 7.59 -23.65 3.29
C PHE D 70 7.17 -24.72 4.28
N THR D 71 7.20 -24.38 5.56
CA THR D 71 6.94 -25.36 6.63
C THR D 71 6.17 -24.68 7.74
N ILE D 72 4.97 -25.14 7.93
CA ILE D 72 4.14 -24.63 9.06
C ILE D 72 4.50 -25.46 10.30
N SER D 73 4.38 -24.84 11.44
CA SER D 73 4.75 -25.46 12.74
C SER D 73 3.89 -24.76 13.79
N ARG D 74 3.52 -25.52 14.80
CA ARG D 74 2.47 -25.06 15.74
C ARG D 74 2.89 -25.39 17.16
N ASP D 75 2.99 -24.36 17.97
CA ASP D 75 3.13 -24.47 19.43
C ASP D 75 1.73 -24.36 19.98
N ASN D 76 1.10 -25.52 20.22
CA ASN D 76 -0.29 -25.59 20.73
C ASN D 76 -0.39 -24.95 22.12
N ALA D 77 0.70 -25.00 22.90
CA ALA D 77 0.78 -24.40 24.25
C ALA D 77 0.62 -22.87 24.19
N LYS D 78 1.34 -22.21 23.28
CA LYS D 78 1.36 -20.71 23.25
C LYS D 78 0.22 -20.15 22.38
N ASN D 79 -0.55 -21.01 21.68
CA ASN D 79 -1.54 -20.61 20.63
C ASN D 79 -0.82 -19.81 19.54
N THR D 80 0.22 -20.41 18.99
CA THR D 80 1.16 -19.71 18.11
C THR D 80 1.51 -20.61 16.95
N VAL D 81 1.42 -20.05 15.75
CA VAL D 81 1.75 -20.79 14.51
C VAL D 81 2.92 -20.08 13.87
N TYR D 82 3.72 -20.81 13.14
CA TYR D 82 4.99 -20.28 12.59
C TYR D 82 5.08 -20.73 11.16
N LEU D 83 5.47 -19.83 10.27
CA LEU D 83 5.73 -20.24 8.89
C LEU D 83 7.20 -20.04 8.57
N GLN D 84 7.88 -21.13 8.31
CA GLN D 84 9.30 -21.08 7.90
C GLN D 84 9.32 -21.18 6.39
N MET D 85 9.57 -20.06 5.74
CA MET D 85 9.66 -19.97 4.27
C MET D 85 11.13 -19.99 3.91
N ASN D 86 11.62 -21.11 3.39
CA ASN D 86 12.94 -21.20 2.74
C ASN D 86 12.78 -21.07 1.23
N SER D 87 13.91 -20.94 0.53
CA SER D 87 14.04 -20.99 -0.95
C SER D 87 13.16 -19.96 -1.64
N LEU D 88 13.15 -18.72 -1.14
CA LEU D 88 12.17 -17.71 -1.58
C LEU D 88 12.40 -17.25 -3.01
N GLU D 89 11.34 -17.30 -3.79
CA GLU D 89 11.33 -16.87 -5.20
C GLU D 89 10.59 -15.55 -5.27
N PRO D 90 10.83 -14.70 -6.29
CA PRO D 90 10.21 -13.38 -6.34
C PRO D 90 8.69 -13.37 -6.46
N GLU D 91 8.14 -14.47 -6.93
CA GLU D 91 6.69 -14.65 -7.08
C GLU D 91 6.05 -14.94 -5.73
N ASP D 92 6.85 -15.21 -4.70
CA ASP D 92 6.30 -15.34 -3.32
C ASP D 92 6.05 -13.97 -2.70
N THR D 93 6.39 -12.86 -3.35
CA THR D 93 6.16 -11.51 -2.83
C THR D 93 4.65 -11.28 -2.68
N ALA D 94 4.20 -11.05 -1.46
CA ALA D 94 2.81 -10.68 -1.18
C ALA D 94 2.73 -10.07 0.22
N VAL D 95 1.55 -9.60 0.57
CA VAL D 95 1.17 -9.42 1.98
C VAL D 95 0.68 -10.77 2.47
N TYR D 96 1.14 -11.21 3.64
CA TYR D 96 0.77 -12.54 4.18
C TYR D 96 -0.14 -12.33 5.39
N TYR D 97 -1.36 -12.86 5.34
CA TYR D 97 -2.36 -12.68 6.41
C TYR D 97 -2.50 -14.00 7.19
N CYS D 98 -2.37 -13.97 8.52
CA CYS D 98 -2.60 -15.21 9.29
C CYS D 98 -4.10 -15.39 9.49
N ASN D 99 -4.54 -16.64 9.40
CA ASN D 99 -5.96 -17.00 9.51
C ASN D 99 -6.11 -17.85 10.74
N VAL D 100 -6.95 -17.44 11.68
CA VAL D 100 -7.31 -18.35 12.82
C VAL D 100 -8.82 -18.49 12.83
N VAL D 101 -9.28 -19.72 12.94
CA VAL D 101 -10.71 -20.08 12.93
C VAL D 101 -11.01 -20.83 14.22
N ASP D 102 -11.85 -20.28 15.08
CA ASP D 102 -12.26 -20.97 16.32
C ASP D 102 -13.65 -21.58 16.10
N ARG D 103 -14.33 -21.93 17.17
CA ARG D 103 -15.74 -22.38 17.09
C ARG D 103 -16.71 -21.20 17.03
N TRP D 104 -16.26 -19.95 16.91
CA TRP D 104 -17.24 -18.83 16.92
C TRP D 104 -17.11 -17.93 15.68
N TYR D 105 -15.90 -17.69 15.22
CA TYR D 105 -15.65 -16.77 14.10
C TYR D 105 -14.39 -17.21 13.38
N ASP D 106 -14.16 -16.59 12.23
CA ASP D 106 -12.83 -16.65 11.60
C ASP D 106 -12.22 -15.27 11.73
N TYR D 107 -10.90 -15.26 11.87
CA TYR D 107 -10.13 -14.05 12.26
C TYR D 107 -8.96 -13.91 11.28
N TRP D 108 -8.73 -12.69 10.82
CA TRP D 108 -7.60 -12.40 9.90
C TRP D 108 -6.64 -11.41 10.53
N GLY D 109 -5.37 -11.60 10.25
CA GLY D 109 -4.34 -10.67 10.75
C GLY D 109 -4.35 -9.36 10.01
N GLN D 110 -3.51 -8.42 10.41
CA GLN D 110 -3.41 -7.15 9.66
C GLN D 110 -2.58 -7.35 8.41
N GLY D 111 -1.77 -8.41 8.36
CA GLY D 111 -0.96 -8.67 7.18
C GLY D 111 0.48 -8.30 7.43
N THR D 112 1.35 -9.05 6.80
CA THR D 112 2.80 -8.86 6.92
C THR D 112 3.41 -8.97 5.54
N GLN D 113 4.08 -7.92 5.11
CA GLN D 113 4.74 -7.88 3.79
C GLN D 113 5.90 -8.86 3.77
N VAL D 114 5.92 -9.69 2.73
CA VAL D 114 7.13 -10.43 2.30
C VAL D 114 7.44 -9.94 0.89
N THR D 115 8.67 -9.50 0.68
CA THR D 115 9.11 -9.07 -0.64
C THR D 115 10.38 -9.84 -0.93
N VAL D 116 10.47 -10.38 -2.12
CA VAL D 116 11.67 -11.12 -2.56
C VAL D 116 12.26 -10.40 -3.76
N SER D 117 13.55 -10.08 -3.67
CA SER D 117 14.27 -9.32 -4.72
C SER D 117 15.03 -10.27 -5.62
N ALA D 118 15.32 -9.83 -6.83
CA ALA D 118 16.13 -10.62 -7.77
C ALA D 118 16.94 -9.70 -8.68
N GLY D 119 18.23 -9.98 -8.84
CA GLY D 119 19.04 -9.26 -9.83
C GLY D 119 20.31 -8.64 -9.26
N ARG D 120 20.96 -7.78 -10.05
CA ARG D 120 22.27 -7.16 -9.73
C ARG D 120 22.13 -6.17 -8.58
N ALA D 121 22.94 -6.31 -7.54
CA ALA D 121 22.91 -5.46 -6.34
C ALA D 121 23.48 -4.10 -6.70
N GLY D 122 24.64 -4.10 -7.35
CA GLY D 122 25.29 -2.89 -7.88
C GLY D 122 26.27 -2.27 -6.91
N GLU D 123 26.72 -2.99 -5.88
CA GLU D 123 27.85 -2.49 -5.05
C GLU D 123 29.06 -2.30 -5.97
N GLN D 124 29.73 -1.15 -5.88
CA GLN D 124 30.91 -0.83 -6.73
C GLN D 124 32.04 -0.29 -5.85
C1 NAG E . 21.31 4.86 -24.81
C2 NAG E . 20.62 4.01 -25.86
C3 NAG E . 21.53 2.90 -26.38
C4 NAG E . 22.92 3.37 -26.72
C5 NAG E . 23.54 4.25 -25.63
C6 NAG E . 24.65 5.13 -26.18
C7 NAG E . 18.28 3.40 -26.00
C8 NAG E . 17.22 2.45 -25.53
N2 NAG E . 19.42 3.40 -25.30
O3 NAG E . 20.95 2.31 -27.56
O4 NAG E . 23.71 2.20 -26.94
O5 NAG E . 22.62 5.22 -25.18
O6 NAG E . 24.29 5.48 -27.52
O7 NAG E . 18.11 4.10 -27.00
C1 NAG E . 24.40 2.23 -28.13
C2 NAG E . 25.75 1.52 -28.13
C3 NAG E . 26.56 1.95 -29.32
C4 NAG E . 25.72 1.66 -30.57
C5 NAG E . 24.41 2.46 -30.49
C6 NAG E . 23.52 2.30 -31.70
C7 NAG E . 26.43 0.98 -25.86
C8 NAG E . 26.77 1.59 -24.53
N2 NAG E . 26.44 1.82 -26.89
O3 NAG E . 27.78 1.24 -29.29
O4 NAG E . 26.42 2.00 -31.76
O5 NAG E . 23.68 2.02 -29.34
O6 NAG E . 22.38 3.14 -31.57
O7 NAG E . 26.09 -0.19 -25.95
C1 BMA E . 26.87 0.93 -32.46
C2 BMA E . 26.78 1.03 -33.96
C3 BMA E . 27.21 -0.26 -34.64
C4 BMA E . 28.56 -0.71 -34.11
C5 BMA E . 28.51 -0.85 -32.60
C6 BMA E . 29.86 -1.21 -32.02
O2 BMA E . 27.64 2.10 -34.33
O3 BMA E . 27.23 -0.06 -36.05
O4 BMA E . 28.89 -1.98 -34.67
O5 BMA E . 28.10 0.39 -32.01
O6 BMA E . 30.14 -0.36 -30.91
C1 FUC E . 24.23 6.81 -27.87
C2 FUC E . 24.58 6.98 -29.33
C3 FUC E . 23.46 6.34 -30.17
C4 FUC E . 22.12 6.98 -29.83
C5 FUC E . 21.89 6.86 -28.32
C6 FUC E . 20.57 7.54 -27.94
O2 FUC E . 25.81 6.32 -29.61
O3 FUC E . 23.71 6.48 -31.56
O4 FUC E . 22.10 8.35 -30.22
O5 FUC E . 22.98 7.44 -27.59
C1 NAG F . -28.75 -1.06 16.21
C2 NAG F . -29.85 -1.25 17.23
C3 NAG F . -30.97 -0.26 16.91
C4 NAG F . -30.45 1.16 16.76
C5 NAG F . -29.32 1.21 15.71
C6 NAG F . -28.54 2.51 15.67
C7 NAG F . -31.00 -3.32 17.93
C8 NAG F . -32.06 -4.12 17.27
N2 NAG F . -30.28 -2.63 17.03
O3 NAG F . -31.97 -0.29 17.95
O4 NAG F . -31.50 2.08 16.45
O5 NAG F . -28.34 0.26 16.07
O6 NAG F . -28.46 3.02 17.02
O7 NAG F . -30.88 -3.26 19.15
C1 NAG F . -31.72 2.98 17.47
C2 NAG F . -31.90 4.43 17.06
C3 NAG F . -31.78 5.34 18.27
C4 NAG F . -32.79 4.89 19.32
C5 NAG F . -32.55 3.43 19.66
C6 NAG F . -33.57 2.91 20.66
C7 NAG F . -31.17 4.86 14.76
C8 NAG F . -30.31 5.77 13.94
N2 NAG F . -30.94 4.87 16.08
O3 NAG F . -32.00 6.67 17.79
O4 NAG F . -32.70 5.67 20.52
O5 NAG F . -32.64 2.62 18.50
O6 NAG F . -34.86 2.88 20.05
O7 NAG F . -32.06 4.19 14.27
C1 BMA F . -33.47 6.80 20.67
C2 BMA F . -34.83 6.81 19.98
C3 BMA F . -35.36 8.23 19.89
C4 BMA F . -35.40 8.82 21.30
C5 BMA F . -34.02 8.77 21.95
C6 BMA F . -34.10 9.28 23.38
O2 BMA F . -35.75 5.99 20.69
O3 BMA F . -36.66 8.24 19.32
O4 BMA F . -35.81 10.19 21.22
O5 BMA F . -33.54 7.42 21.95
O6 BMA F . -32.83 9.17 24.00
C1 FUC F . -27.28 3.39 17.60
C2 FUC F . -27.54 4.49 18.61
C3 FUC F . -28.42 3.93 19.71
C4 FUC F . -27.70 2.74 20.37
C5 FUC F . -27.38 1.72 19.29
C6 FUC F . -26.69 0.50 19.88
O2 FUC F . -28.21 5.59 17.97
O3 FUC F . -28.74 4.91 20.68
O4 FUC F . -26.50 3.17 21.01
O5 FUC F . -26.58 2.33 18.25
C1 GOL G . 8.01 15.59 -18.73
O1 GOL G . 8.40 14.24 -18.54
C2 GOL G . 6.71 15.82 -19.51
O2 GOL G . 5.66 14.98 -19.02
C3 GOL G . 6.28 17.28 -19.47
O3 GOL G . 5.63 17.75 -20.67
C1 GOL H . -21.16 -27.12 15.38
O1 GOL H . -21.84 -28.03 14.52
C2 GOL H . -22.02 -25.95 15.73
O2 GOL H . -23.17 -26.34 16.50
C3 GOL H . -21.22 -24.91 16.47
O3 GOL H . -21.89 -23.66 16.44
P PO4 I . -23.62 -20.68 25.77
O1 PO4 I . -24.03 -19.20 25.38
O2 PO4 I . -24.40 -21.15 27.05
O3 PO4 I . -22.09 -20.74 26.07
O4 PO4 I . -23.94 -21.64 24.58
C1 GOL J . 12.41 40.72 3.55
O1 GOL J . 13.85 40.76 3.64
C2 GOL J . 11.76 42.10 3.82
O2 GOL J . 12.09 42.55 5.18
C3 GOL J . 10.24 42.05 3.58
O3 GOL J . 9.62 41.09 4.48
C1 GOL K . 14.75 -8.27 7.29
O1 GOL K . 14.50 -9.00 8.50
C2 GOL K . 14.15 -6.86 7.27
O2 GOL K . 14.82 -6.07 8.28
C3 GOL K . 14.14 -6.21 5.87
O3 GOL K . 13.41 -4.97 5.75
#